data_5I70
#
_entry.id   5I70
#
_cell.length_a   103.420
_cell.length_b   103.420
_cell.length_c   123.690
_cell.angle_alpha   90.00
_cell.angle_beta   90.00
_cell.angle_gamma   120.00
#
_symmetry.space_group_name_H-M   'P 31 2 1'
#
loop_
_entity.id
_entity.type
_entity.pdbx_description
1 polymer 'Plasmepsin IV'
2 polymer 'Pepstatin A'
#
loop_
_entity_poly.entity_id
_entity_poly.type
_entity_poly.pdbx_seq_one_letter_code
_entity_poly.pdbx_strand_id
1 'polypeptide(L)'
;SENDSIELDDVANLMFYGEGQIGTNKQPFMFIFDTGSANLWVPSVNCDSIGCSTKHLYDASASKSYEKDGTKVEISYGSG
TVRGYFSKDVISLGDLSLPYKFIEVTDADDLEPIYSGSEFDGILGLGWKDLSIGSIDPVVVELKKQNKIDNALFTFYLPV
HDKHVGYLTIGGIESDFYEGPLTYEKLNHDLYWQIDLDIHFGKYVMQKANAVVDSGTSTITAPTSFLNKFFRDMNVIKVP
FLPLYVTTCDNDDLPTLEFHSRNNKYTLEPEFYMDPLSDIDPALCMLYILPVDIDDNTFILGDPFMRKYFTVFDYEKESV
GFAVAKNL
;
B,A
2 'polypeptide(L)' (IVA)VV(STA)A(STA) C,D
#
# COMPACT_ATOMS: atom_id res chain seq x y z
N SER A 5 -32.52 1.28 -3.08
CA SER A 5 -31.76 0.08 -3.60
C SER A 5 -30.77 0.45 -4.72
N ILE A 6 -29.47 0.26 -4.47
CA ILE A 6 -28.34 0.72 -5.33
C ILE A 6 -27.55 -0.47 -5.88
N GLU A 7 -27.52 -0.62 -7.20
CA GLU A 7 -26.88 -1.76 -7.87
C GLU A 7 -25.36 -1.71 -7.75
N LEU A 8 -24.75 -2.85 -7.41
CA LEU A 8 -23.31 -2.98 -7.13
C LEU A 8 -22.62 -3.90 -8.16
N ASP A 9 -21.63 -3.35 -8.88
CA ASP A 9 -20.77 -4.14 -9.75
C ASP A 9 -19.89 -5.04 -8.89
N ASP A 10 -19.68 -6.28 -9.33
CA ASP A 10 -18.81 -7.23 -8.63
C ASP A 10 -17.58 -7.42 -9.51
N VAL A 11 -16.38 -7.33 -8.93
CA VAL A 11 -15.14 -7.52 -9.68
C VAL A 11 -14.28 -8.57 -8.96
N ALA A 12 -14.39 -9.80 -9.46
CA ALA A 12 -13.62 -10.96 -8.98
C ALA A 12 -13.91 -11.37 -7.51
N ASN A 13 -15.09 -11.00 -7.01
CA ASN A 13 -15.49 -11.19 -5.61
C ASN A 13 -14.64 -10.45 -4.56
N LEU A 14 -13.81 -9.52 -5.01
CA LEU A 14 -12.91 -8.76 -4.16
C LEU A 14 -13.32 -7.31 -4.01
N MET A 15 -14.11 -6.78 -4.95
CA MET A 15 -14.52 -5.39 -4.91
C MET A 15 -15.93 -5.18 -5.43
N PHE A 16 -16.63 -4.26 -4.75
CA PHE A 16 -18.00 -3.89 -5.09
C PHE A 16 -18.18 -2.39 -5.02
N TYR A 17 -18.61 -1.79 -6.13
CA TYR A 17 -18.96 -0.36 -6.18
C TYR A 17 -20.27 -0.16 -6.92
N GLY A 18 -20.98 0.92 -6.57
CA GLY A 18 -22.18 1.36 -7.26
C GLY A 18 -22.19 2.85 -7.52
N GLU A 19 -23.22 3.32 -8.23
CA GLU A 19 -23.31 4.70 -8.62
C GLU A 19 -23.78 5.56 -7.48
N GLY A 20 -23.25 6.78 -7.40
CA GLY A 20 -23.80 7.86 -6.60
C GLY A 20 -23.63 9.13 -7.42
N GLN A 21 -24.35 10.21 -7.09
CA GLN A 21 -24.12 11.52 -7.73
C GLN A 21 -23.94 12.62 -6.70
N ILE A 22 -23.13 13.62 -7.06
CA ILE A 22 -22.94 14.83 -6.23
C ILE A 22 -23.33 16.01 -7.11
N GLY A 23 -24.12 16.91 -6.54
CA GLY A 23 -24.33 18.23 -7.09
C GLY A 23 -25.52 18.38 -8.00
N THR A 24 -25.81 19.65 -8.29
CA THR A 24 -26.92 20.09 -9.13
C THR A 24 -26.91 19.45 -10.51
N ASN A 25 -25.72 19.28 -11.08
CA ASN A 25 -25.55 18.68 -12.41
C ASN A 25 -25.41 17.15 -12.37
N LYS A 26 -25.79 16.54 -11.25
CA LYS A 26 -25.81 15.08 -11.11
C LYS A 26 -24.53 14.46 -11.64
N GLN A 27 -23.42 14.87 -11.02
CA GLN A 27 -22.10 14.40 -11.40
C GLN A 27 -21.95 12.99 -10.89
N PRO A 28 -21.78 12.00 -11.82
CA PRO A 28 -21.74 10.60 -11.42
C PRO A 28 -20.35 10.16 -10.98
N PHE A 29 -20.33 9.31 -9.96
CA PHE A 29 -19.13 8.68 -9.44
C PHE A 29 -19.46 7.22 -9.14
N MET A 30 -18.45 6.35 -9.22
CA MET A 30 -18.51 5.00 -8.66
C MET A 30 -17.94 5.00 -7.24
N PHE A 31 -18.71 4.48 -6.28
CA PHE A 31 -18.32 4.45 -4.89
C PHE A 31 -18.23 3.05 -4.38
N ILE A 32 -17.14 2.74 -3.68
CA ILE A 32 -17.11 1.59 -2.77
C ILE A 32 -17.98 2.08 -1.63
N PHE A 33 -19.11 1.39 -1.41
CA PHE A 33 -19.94 1.65 -0.23
C PHE A 33 -19.37 0.80 0.88
N ASP A 34 -18.85 1.47 1.91
CA ASP A 34 -17.84 0.91 2.82
C ASP A 34 -18.25 0.98 4.30
N THR A 35 -18.70 -0.15 4.84
CA THR A 35 -19.15 -0.22 6.23
C THR A 35 -17.98 -0.13 7.25
N GLY A 36 -16.74 -0.26 6.78
CA GLY A 36 -15.56 -0.08 7.61
C GLY A 36 -15.02 1.33 7.68
N SER A 37 -15.70 2.29 7.06
CA SER A 37 -15.28 3.71 6.95
C SER A 37 -16.48 4.58 7.33
N ALA A 38 -16.25 5.86 7.64
CA ALA A 38 -17.37 6.78 7.87
C ALA A 38 -17.20 8.22 7.29
N ASN A 39 -16.56 8.32 6.14
CA ASN A 39 -16.47 9.58 5.39
C ASN A 39 -16.68 9.28 3.92
N LEU A 40 -17.42 10.18 3.26
CA LEU A 40 -17.54 10.24 1.82
C LEU A 40 -16.38 11.06 1.26
N TRP A 41 -15.70 10.54 0.25
CA TRP A 41 -14.77 11.37 -0.50
C TRP A 41 -14.84 11.11 -1.98
N VAL A 42 -14.54 12.15 -2.74
CA VAL A 42 -14.55 12.03 -4.17
C VAL A 42 -13.32 12.76 -4.73
N PRO A 43 -12.72 12.26 -5.81
CA PRO A 43 -11.56 12.94 -6.38
C PRO A 43 -11.97 14.25 -7.08
N SER A 44 -11.24 15.32 -6.76
CA SER A 44 -11.50 16.68 -7.23
C SER A 44 -10.93 16.84 -8.62
N VAL A 45 -11.44 17.84 -9.35
CA VAL A 45 -10.83 18.23 -10.61
C VAL A 45 -9.47 18.87 -10.38
N ASN A 46 -9.16 19.24 -9.14
CA ASN A 46 -7.84 19.68 -8.75
C ASN A 46 -6.91 18.54 -8.32
N CYS A 47 -7.34 17.29 -8.49
CA CYS A 47 -6.48 16.16 -8.14
C CYS A 47 -5.49 15.93 -9.28
N ASP A 48 -4.22 16.19 -9.01
CA ASP A 48 -3.18 16.02 -10.03
C ASP A 48 -2.56 14.60 -10.05
N SER A 49 -2.92 13.73 -9.09
CA SER A 49 -2.30 12.41 -8.94
C SER A 49 -2.56 11.55 -10.15
N ILE A 50 -1.62 10.70 -10.53
CA ILE A 50 -1.84 9.78 -11.68
C ILE A 50 -3.07 8.91 -11.49
N GLY A 51 -3.33 8.46 -10.28
CA GLY A 51 -4.54 7.70 -10.01
C GLY A 51 -5.79 8.42 -10.51
N CYS A 52 -5.80 9.75 -10.35
CA CYS A 52 -6.94 10.58 -10.73
C CYS A 52 -7.19 10.77 -12.23
N SER A 53 -6.19 10.50 -13.07
CA SER A 53 -6.35 10.73 -14.50
C SER A 53 -7.35 9.83 -15.18
N THR A 54 -7.64 8.68 -14.58
CA THR A 54 -8.66 7.76 -15.09
C THR A 54 -10.00 7.78 -14.35
N LYS A 55 -10.17 8.71 -13.39
CA LYS A 55 -11.39 8.79 -12.57
C LYS A 55 -12.38 9.90 -13.00
N HIS A 56 -13.65 9.70 -12.67
CA HIS A 56 -14.63 10.78 -12.68
C HIS A 56 -14.34 11.72 -11.52
N LEU A 57 -14.19 13.01 -11.84
CA LEU A 57 -13.76 14.03 -10.92
C LEU A 57 -14.93 14.92 -10.51
N TYR A 58 -14.78 15.74 -9.47
CA TYR A 58 -15.83 16.64 -9.02
C TYR A 58 -15.47 18.10 -9.30
N ASP A 59 -16.38 18.81 -9.96
CA ASP A 59 -16.21 20.24 -10.23
C ASP A 59 -17.22 21.06 -9.44
N ALA A 60 -16.82 21.56 -8.27
CA ALA A 60 -17.69 22.43 -7.47
C ALA A 60 -18.34 23.59 -8.27
N SER A 61 -17.59 24.16 -9.23
CA SER A 61 -18.08 25.32 -9.98
C SER A 61 -19.21 24.96 -10.95
N ALA A 62 -19.39 23.66 -11.22
CA ALA A 62 -20.53 23.16 -11.99
C ALA A 62 -21.86 23.00 -11.21
N SER A 63 -21.76 22.87 -9.88
CA SER A 63 -22.92 22.62 -9.02
C SER A 63 -23.32 23.91 -8.32
N LYS A 64 -24.58 24.34 -8.48
CA LYS A 64 -25.04 25.55 -7.78
C LYS A 64 -25.43 25.29 -6.31
N SER A 65 -25.52 24.03 -5.94
CA SER A 65 -25.79 23.63 -4.56
C SER A 65 -24.51 23.43 -3.74
N TYR A 66 -23.34 23.46 -4.39
CA TYR A 66 -22.05 23.39 -3.70
C TYR A 66 -21.91 24.48 -2.65
N GLU A 67 -21.44 24.09 -1.48
CA GLU A 67 -21.08 25.01 -0.41
C GLU A 67 -19.61 24.80 0.02
N LYS A 68 -18.89 25.90 0.11
CA LYS A 68 -17.46 25.91 0.47
C LYS A 68 -17.22 25.62 1.98
N ASP A 69 -16.20 24.81 2.25
CA ASP A 69 -15.63 24.62 3.58
C ASP A 69 -14.12 24.83 3.49
N GLY A 70 -13.41 23.87 2.89
CA GLY A 70 -12.00 24.02 2.56
C GLY A 70 -11.05 23.63 3.65
N THR A 71 -11.58 23.19 4.79
CA THR A 71 -10.75 22.64 5.84
C THR A 71 -10.02 21.40 5.31
N LYS A 72 -8.69 21.38 5.51
CA LYS A 72 -7.87 20.28 5.07
C LYS A 72 -8.10 19.06 5.96
N VAL A 73 -8.02 17.88 5.33
CA VAL A 73 -8.41 16.63 5.97
C VAL A 73 -7.82 15.42 5.24
N GLU A 74 -7.60 14.35 6.01
CA GLU A 74 -6.93 13.14 5.53
C GLU A 74 -7.69 11.90 6.02
N ILE A 75 -7.78 10.87 5.19
CA ILE A 75 -8.37 9.58 5.60
C ILE A 75 -7.34 8.49 5.33
N SER A 76 -7.06 7.66 6.34
CA SER A 76 -6.19 6.51 6.14
C SER A 76 -7.03 5.24 6.13
N TYR A 77 -6.71 4.34 5.21
CA TYR A 77 -7.27 3.01 5.16
C TYR A 77 -6.13 2.00 5.25
N GLY A 78 -6.48 0.74 5.39
CA GLY A 78 -5.49 -0.32 5.28
C GLY A 78 -4.78 -0.38 3.93
N SER A 79 -5.43 0.10 2.86
CA SER A 79 -4.87 0.06 1.50
C SER A 79 -4.25 1.38 1.05
N GLY A 80 -4.30 2.39 1.92
CA GLY A 80 -3.60 3.64 1.67
C GLY A 80 -4.36 4.85 2.13
N THR A 81 -3.79 6.03 1.85
CA THR A 81 -4.31 7.30 2.35
C THR A 81 -4.72 8.25 1.21
N VAL A 82 -5.84 8.93 1.43
CA VAL A 82 -6.27 10.03 0.55
C VAL A 82 -6.33 11.31 1.36
N ARG A 83 -6.31 12.42 0.63
CA ARG A 83 -6.01 13.71 1.23
C ARG A 83 -6.68 14.75 0.39
N GLY A 84 -7.29 15.72 1.05
CA GLY A 84 -8.02 16.75 0.33
C GLY A 84 -8.53 17.82 1.25
N TYR A 85 -9.67 18.41 0.90
CA TYR A 85 -10.29 19.41 1.76
C TYR A 85 -11.77 19.21 1.76
N PHE A 86 -12.41 19.62 2.84
CA PHE A 86 -13.86 19.45 3.00
C PHE A 86 -14.67 20.34 2.06
N SER A 87 -15.79 19.82 1.59
CA SER A 87 -16.78 20.58 0.85
C SER A 87 -18.16 20.04 1.19
N LYS A 88 -19.19 20.82 0.91
CA LYS A 88 -20.58 20.50 1.23
C LYS A 88 -21.37 20.55 -0.08
N ASP A 89 -22.18 19.51 -0.37
CA ASP A 89 -23.08 19.50 -1.55
C ASP A 89 -24.16 18.44 -1.36
N VAL A 90 -25.14 18.42 -2.26
CA VAL A 90 -26.17 17.40 -2.23
C VAL A 90 -25.69 16.13 -2.88
N ILE A 91 -25.74 15.04 -2.12
CA ILE A 91 -25.38 13.70 -2.57
C ILE A 91 -26.65 12.95 -2.86
N SER A 92 -26.71 12.31 -4.02
CA SER A 92 -27.86 11.49 -4.39
C SER A 92 -27.45 10.02 -4.42
N LEU A 93 -28.35 9.16 -3.96
CA LEU A 93 -28.16 7.70 -3.89
C LEU A 93 -29.49 7.03 -4.20
N GLY A 94 -29.62 6.49 -5.40
CA GLY A 94 -30.90 6.05 -5.90
C GLY A 94 -31.74 7.29 -6.03
N ASP A 95 -32.97 7.25 -5.55
CA ASP A 95 -33.86 8.42 -5.61
C ASP A 95 -33.88 9.21 -4.28
N LEU A 96 -32.84 9.03 -3.45
CA LEU A 96 -32.67 9.76 -2.17
C LEU A 96 -31.61 10.85 -2.30
N SER A 97 -31.80 11.98 -1.60
CA SER A 97 -30.88 13.09 -1.67
C SER A 97 -30.72 13.72 -0.33
N LEU A 98 -29.51 14.08 0.02
CA LEU A 98 -29.30 14.97 1.16
C LEU A 98 -28.08 15.82 0.95
N PRO A 99 -28.04 17.02 1.58
CA PRO A 99 -26.81 17.79 1.68
C PRO A 99 -25.86 17.01 2.55
N TYR A 100 -24.57 17.09 2.25
CA TYR A 100 -23.60 16.31 3.00
C TYR A 100 -22.22 16.93 2.91
N LYS A 101 -21.46 16.79 4.00
CA LYS A 101 -20.09 17.26 4.12
C LYS A 101 -19.23 16.10 3.68
N PHE A 102 -18.38 16.33 2.68
CA PHE A 102 -17.57 15.30 2.07
C PHE A 102 -16.17 15.85 1.76
N ILE A 103 -15.29 15.01 1.23
CA ILE A 103 -13.92 15.38 1.00
C ILE A 103 -13.65 15.50 -0.49
N GLU A 104 -13.28 16.69 -0.97
CA GLU A 104 -12.73 16.84 -2.33
C GLU A 104 -11.28 16.36 -2.21
N VAL A 105 -11.00 15.15 -2.69
CA VAL A 105 -9.64 14.60 -2.65
C VAL A 105 -8.77 15.27 -3.71
N THR A 106 -7.59 15.68 -3.26
CA THR A 106 -6.62 16.46 -4.03
C THR A 106 -5.33 15.66 -4.25
N ASP A 107 -4.92 14.88 -3.26
CA ASP A 107 -3.74 14.03 -3.34
C ASP A 107 -4.16 12.60 -3.06
N ALA A 108 -4.13 11.76 -4.08
CA ALA A 108 -4.44 10.34 -3.91
C ALA A 108 -3.21 9.47 -4.16
N ASP A 109 -2.03 10.07 -4.12
CA ASP A 109 -0.78 9.35 -4.42
C ASP A 109 -0.48 8.24 -3.42
N ASP A 110 -1.01 8.34 -2.19
CA ASP A 110 -0.74 7.35 -1.12
C ASP A 110 -1.67 6.13 -1.15
N LEU A 111 -2.59 6.08 -2.13
CA LEU A 111 -3.52 4.94 -2.29
C LEU A 111 -3.06 4.11 -3.46
N GLU A 112 -1.78 4.25 -3.84
CA GLU A 112 -1.43 4.14 -5.25
C GLU A 112 -0.58 2.97 -5.67
N PRO A 113 -0.84 1.80 -5.08
CA PRO A 113 -0.94 0.66 -6.01
C PRO A 113 -2.43 0.50 -6.41
N ILE A 114 -3.34 0.52 -5.44
CA ILE A 114 -4.75 0.13 -5.62
C ILE A 114 -5.62 1.03 -6.48
N TYR A 115 -5.53 2.34 -6.28
CA TYR A 115 -6.51 3.32 -6.83
C TYR A 115 -6.48 3.39 -8.35
N SER A 116 -5.29 3.50 -8.94
CA SER A 116 -5.15 3.43 -10.40
C SER A 116 -5.44 2.04 -10.94
N GLY A 117 -5.19 1.00 -10.14
CA GLY A 117 -5.51 -0.38 -10.53
C GLY A 117 -6.98 -0.78 -10.52
N SER A 118 -7.83 0.02 -9.89
CA SER A 118 -9.23 -0.33 -9.72
C SER A 118 -10.09 0.72 -10.43
N GLU A 119 -11.36 0.40 -10.61
CA GLU A 119 -12.29 1.26 -11.35
C GLU A 119 -13.22 2.10 -10.49
N PHE A 120 -13.06 2.06 -9.17
CA PHE A 120 -13.84 2.96 -8.30
C PHE A 120 -13.29 4.39 -8.32
N ASP A 121 -14.18 5.35 -8.11
CA ASP A 121 -13.82 6.78 -8.03
C ASP A 121 -13.55 7.22 -6.59
N GLY A 122 -14.47 6.88 -5.68
CA GLY A 122 -14.39 7.31 -4.28
C GLY A 122 -14.94 6.27 -3.33
N ILE A 123 -14.86 6.56 -2.02
CA ILE A 123 -15.45 5.71 -0.99
C ILE A 123 -16.58 6.48 -0.34
N LEU A 124 -17.69 5.79 -0.07
CA LEU A 124 -18.79 6.30 0.74
C LEU A 124 -18.90 5.45 2.02
N GLY A 125 -18.50 6.03 3.15
CA GLY A 125 -18.53 5.36 4.44
C GLY A 125 -19.92 5.11 4.96
N LEU A 126 -20.15 3.92 5.51
CA LEU A 126 -21.44 3.55 6.10
C LEU A 126 -21.30 3.12 7.55
N GLY A 127 -20.23 3.59 8.21
CA GLY A 127 -20.02 3.36 9.63
C GLY A 127 -20.73 4.38 10.51
N TRP A 128 -20.29 4.45 11.76
CA TRP A 128 -20.89 5.31 12.76
C TRP A 128 -20.11 6.63 12.89
N LYS A 129 -20.80 7.64 13.42
CA LYS A 129 -20.23 8.98 13.62
C LYS A 129 -18.83 9.02 14.22
N ASP A 130 -18.62 8.24 15.29
CA ASP A 130 -17.34 8.25 16.00
C ASP A 130 -16.16 7.70 15.19
N LEU A 131 -16.42 6.84 14.21
CA LEU A 131 -15.36 6.38 13.31
C LEU A 131 -14.89 7.49 12.33
N SER A 132 -15.80 8.39 11.95
CA SER A 132 -15.50 9.45 10.98
C SER A 132 -14.48 10.50 11.43
N ILE A 133 -13.75 11.05 10.46
CA ILE A 133 -12.92 12.24 10.65
C ILE A 133 -13.82 13.46 10.42
N GLY A 134 -13.80 14.39 11.38
CA GLY A 134 -14.69 15.55 11.37
C GLY A 134 -16.05 15.34 12.03
N SER A 135 -16.29 14.16 12.59
CA SER A 135 -17.49 13.88 13.37
C SER A 135 -18.77 14.17 12.56
N ILE A 136 -18.87 13.48 11.43
CA ILE A 136 -19.96 13.66 10.49
C ILE A 136 -21.02 12.61 10.80
N ASP A 137 -22.30 12.99 10.70
CA ASP A 137 -23.39 12.03 10.91
C ASP A 137 -23.57 11.17 9.68
N PRO A 138 -23.78 9.85 9.88
CA PRO A 138 -23.88 9.02 8.69
C PRO A 138 -25.08 9.34 7.79
N VAL A 139 -24.93 9.02 6.51
CA VAL A 139 -25.95 9.30 5.50
C VAL A 139 -27.28 8.69 5.92
N VAL A 140 -27.25 7.43 6.32
CA VAL A 140 -28.48 6.69 6.62
C VAL A 140 -29.13 7.28 7.87
N VAL A 141 -28.32 7.60 8.87
CA VAL A 141 -28.81 8.25 10.09
C VAL A 141 -29.47 9.59 9.75
N GLU A 142 -28.79 10.42 8.96
CA GLU A 142 -29.35 11.73 8.55
C GLU A 142 -30.62 11.55 7.74
N LEU A 143 -30.57 10.72 6.70
CA LEU A 143 -31.75 10.40 5.87
C LEU A 143 -33.00 10.07 6.69
N LYS A 144 -32.86 9.25 7.72
CA LYS A 144 -33.96 8.95 8.64
C LYS A 144 -34.47 10.20 9.38
N LYS A 145 -33.55 11.00 9.93
CA LYS A 145 -33.92 12.23 10.63
C LYS A 145 -34.69 13.23 9.76
N GLN A 146 -34.35 13.26 8.48
CA GLN A 146 -35.06 14.05 7.47
C GLN A 146 -36.33 13.39 6.90
N ASN A 147 -36.64 12.17 7.37
CA ASN A 147 -37.82 11.38 7.00
C ASN A 147 -37.88 11.05 5.54
N LYS A 148 -36.72 10.75 4.98
CA LYS A 148 -36.58 10.37 3.60
C LYS A 148 -36.56 8.86 3.44
N ILE A 149 -36.35 8.13 4.54
CA ILE A 149 -36.44 6.68 4.58
C ILE A 149 -37.22 6.23 5.81
N ASP A 150 -37.71 5.00 5.77
CA ASP A 150 -38.56 4.48 6.83
C ASP A 150 -37.79 4.20 8.11
N ASN A 151 -36.59 3.63 7.98
CA ASN A 151 -35.77 3.31 9.17
C ASN A 151 -34.31 3.62 8.90
N ALA A 152 -33.57 4.02 9.95
CA ALA A 152 -32.12 4.20 9.85
C ALA A 152 -31.45 2.84 9.82
N LEU A 153 -31.54 2.17 8.67
CA LEU A 153 -30.86 0.91 8.46
C LEU A 153 -30.56 0.76 6.99
N PHE A 154 -29.64 -0.16 6.68
CA PHE A 154 -29.32 -0.52 5.33
C PHE A 154 -28.85 -1.96 5.22
N THR A 155 -28.82 -2.45 4.01
CA THR A 155 -28.70 -3.85 3.75
C THR A 155 -27.67 -4.08 2.64
N PHE A 156 -26.84 -5.13 2.78
CA PHE A 156 -25.92 -5.53 1.70
C PHE A 156 -26.28 -6.94 1.26
N TYR A 157 -26.48 -7.08 -0.04
CA TYR A 157 -26.55 -8.37 -0.71
C TYR A 157 -25.45 -8.35 -1.75
N LEU A 158 -24.43 -9.18 -1.55
CA LEU A 158 -23.38 -9.41 -2.51
C LEU A 158 -23.62 -10.81 -3.08
N PRO A 159 -23.37 -11.01 -4.40
CA PRO A 159 -23.54 -12.31 -5.07
C PRO A 159 -22.28 -13.20 -5.09
N VAL A 160 -22.20 -14.12 -6.05
CA VAL A 160 -20.94 -14.76 -6.38
C VAL A 160 -20.62 -14.71 -7.93
N HIS A 161 -20.69 -13.48 -8.53
CA HIS A 161 -19.74 -12.92 -9.60
C HIS A 161 -20.31 -12.34 -10.95
N ASP A 162 -21.39 -12.94 -11.46
CA ASP A 162 -22.05 -12.51 -12.72
C ASP A 162 -23.45 -11.94 -12.46
N VAL A 165 -24.77 -9.24 -9.92
CA VAL A 165 -24.72 -7.98 -9.18
C VAL A 165 -25.29 -8.10 -7.77
N GLY A 166 -24.85 -7.13 -6.99
CA GLY A 166 -25.23 -6.96 -5.60
C GLY A 166 -26.01 -5.68 -5.37
N TYR A 167 -26.58 -5.54 -4.18
CA TYR A 167 -27.41 -4.38 -3.83
C TYR A 167 -27.16 -3.85 -2.42
N LEU A 168 -26.78 -2.57 -2.35
CA LEU A 168 -26.97 -1.73 -1.15
C LEU A 168 -28.42 -1.22 -1.17
N THR A 169 -29.17 -1.50 -0.11
CA THR A 169 -30.57 -1.06 0.00
C THR A 169 -30.67 -0.20 1.28
N ILE A 170 -31.20 1.02 1.16
CA ILE A 170 -31.26 1.99 2.28
C ILE A 170 -32.69 2.01 2.84
N GLY A 171 -32.85 1.93 4.15
CA GLY A 171 -34.15 2.24 4.78
C GLY A 171 -35.09 1.11 5.20
N GLY A 172 -35.03 0.00 4.47
CA GLY A 172 -35.85 -1.18 4.77
C GLY A 172 -35.19 -2.51 4.45
N ILE A 173 -35.82 -3.57 4.94
CA ILE A 173 -35.36 -4.96 4.77
C ILE A 173 -36.20 -5.61 3.67
N GLU A 174 -35.58 -6.04 2.57
CA GLU A 174 -36.30 -6.79 1.52
C GLU A 174 -36.12 -8.30 1.73
N SER A 175 -37.22 -8.99 2.06
CA SER A 175 -37.17 -10.38 2.55
C SER A 175 -36.71 -11.40 1.49
N ASP A 176 -36.87 -11.05 0.21
CA ASP A 176 -36.37 -11.83 -0.94
C ASP A 176 -34.86 -12.05 -1.01
N PHE A 177 -34.10 -11.20 -0.33
CA PHE A 177 -32.65 -11.34 -0.33
C PHE A 177 -32.15 -12.53 0.45
N TYR A 178 -32.96 -13.08 1.37
CA TYR A 178 -32.52 -14.19 2.22
C TYR A 178 -33.59 -15.29 2.43
N GLU A 179 -33.13 -16.35 3.10
CA GLU A 179 -33.94 -17.48 3.53
C GLU A 179 -33.85 -17.58 5.04
N GLY A 180 -34.92 -18.09 5.66
CA GLY A 180 -34.90 -18.39 7.09
C GLY A 180 -34.79 -17.17 7.98
N PRO A 181 -34.44 -17.38 9.27
CA PRO A 181 -34.51 -16.31 10.27
C PRO A 181 -33.33 -15.33 10.20
N LEU A 182 -33.64 -14.07 10.50
CA LEU A 182 -32.68 -12.99 10.54
C LEU A 182 -32.25 -12.88 11.98
N THR A 183 -30.95 -13.01 12.27
CA THR A 183 -30.46 -13.09 13.66
C THR A 183 -29.55 -11.89 13.93
N TYR A 184 -29.95 -11.02 14.85
CA TYR A 184 -29.21 -9.77 15.09
C TYR A 184 -28.13 -9.95 16.14
N GLU A 185 -27.09 -9.11 16.07
CA GLU A 185 -25.98 -9.18 17.01
C GLU A 185 -25.63 -7.76 17.45
N LYS A 186 -25.90 -7.41 18.72
CA LYS A 186 -25.53 -6.10 19.30
C LYS A 186 -24.07 -5.79 19.09
N LEU A 187 -23.78 -4.54 18.77
CA LEU A 187 -22.40 -4.11 18.54
C LEU A 187 -21.73 -3.97 19.90
N ASN A 188 -20.45 -4.35 19.97
CA ASN A 188 -19.69 -4.17 21.22
C ASN A 188 -19.30 -2.70 21.40
N HIS A 189 -19.09 -2.00 20.28
CA HIS A 189 -18.99 -0.53 20.25
C HIS A 189 -19.72 -0.01 19.00
N ASP A 190 -20.33 1.17 19.10
CA ASP A 190 -20.89 1.85 17.95
C ASP A 190 -19.81 2.69 17.27
N LEU A 191 -18.89 2.01 16.59
CA LEU A 191 -17.78 2.68 15.88
C LEU A 191 -17.64 2.07 14.49
N TYR A 192 -17.02 0.89 14.39
CA TYR A 192 -17.21 0.02 13.23
C TYR A 192 -18.52 -0.72 13.45
N TRP A 193 -18.97 -1.48 12.46
CA TRP A 193 -20.07 -2.42 12.69
C TRP A 193 -19.44 -3.66 13.28
N GLN A 194 -19.20 -3.61 14.59
CA GLN A 194 -18.33 -4.58 15.29
C GLN A 194 -19.05 -5.37 16.41
N ILE A 195 -19.07 -6.71 16.26
CA ILE A 195 -19.68 -7.59 17.25
C ILE A 195 -18.66 -8.49 17.93
N ASP A 196 -19.04 -9.05 19.07
CA ASP A 196 -18.23 -10.04 19.76
C ASP A 196 -18.50 -11.39 19.13
N LEU A 197 -17.45 -12.19 18.94
CA LEU A 197 -17.59 -13.56 18.45
C LEU A 197 -16.45 -14.48 18.95
N ASP A 198 -16.78 -15.77 19.13
CA ASP A 198 -15.77 -16.81 19.24
C ASP A 198 -15.46 -17.32 17.83
N ILE A 199 -14.24 -17.07 17.38
CA ILE A 199 -13.84 -17.39 16.00
C ILE A 199 -13.08 -18.71 16.03
N HIS A 200 -13.49 -19.66 15.19
CA HIS A 200 -12.73 -20.89 14.95
C HIS A 200 -12.26 -20.91 13.50
N PHE A 201 -10.94 -20.98 13.31
CA PHE A 201 -10.33 -21.38 12.04
C PHE A 201 -9.82 -22.82 12.16
N GLY A 202 -10.67 -23.80 11.86
CA GLY A 202 -10.34 -25.21 12.12
C GLY A 202 -10.19 -25.48 13.59
N LYS A 203 -8.96 -25.76 14.05
CA LYS A 203 -8.69 -26.06 15.47
C LYS A 203 -8.24 -24.84 16.27
N TYR A 204 -7.91 -23.74 15.58
CA TYR A 204 -7.40 -22.53 16.23
C TYR A 204 -8.59 -21.64 16.53
N VAL A 205 -8.76 -21.33 17.81
CA VAL A 205 -9.91 -20.62 18.31
C VAL A 205 -9.42 -19.36 19.01
N MET A 206 -10.06 -18.23 18.75
CA MET A 206 -9.94 -17.07 19.62
C MET A 206 -11.35 -16.71 20.14
N GLN A 207 -11.50 -16.70 21.46
CA GLN A 207 -12.79 -16.44 22.09
C GLN A 207 -13.00 -14.96 22.33
N LYS A 208 -14.27 -14.58 22.31
CA LYS A 208 -14.72 -13.18 22.22
C LYS A 208 -13.71 -12.27 21.54
N ALA A 209 -13.50 -12.54 20.25
CA ALA A 209 -12.76 -11.67 19.37
C ALA A 209 -13.64 -10.47 18.93
N ASN A 210 -12.98 -9.44 18.40
CA ASN A 210 -13.65 -8.25 17.88
C ASN A 210 -13.91 -8.42 16.38
N ALA A 211 -15.14 -8.74 16.02
CA ALA A 211 -15.48 -9.09 14.66
C ALA A 211 -16.06 -7.88 13.98
N VAL A 212 -15.39 -7.41 12.93
CA VAL A 212 -15.75 -6.18 12.19
C VAL A 212 -16.35 -6.52 10.83
N VAL A 213 -17.65 -6.27 10.68
CA VAL A 213 -18.37 -6.53 9.44
C VAL A 213 -18.10 -5.33 8.53
N ASP A 214 -17.38 -5.61 7.43
CA ASP A 214 -16.83 -4.58 6.56
C ASP A 214 -17.04 -4.96 5.08
N SER A 215 -18.01 -4.31 4.45
CA SER A 215 -18.24 -4.40 3.00
C SER A 215 -17.07 -3.91 2.14
N GLY A 216 -16.21 -3.08 2.73
CA GLY A 216 -15.01 -2.59 2.07
C GLY A 216 -13.72 -3.38 2.20
N THR A 217 -13.77 -4.59 2.78
CA THR A 217 -12.58 -5.47 2.88
C THR A 217 -12.82 -6.76 2.08
N SER A 218 -11.89 -7.07 1.17
CA SER A 218 -12.09 -8.14 0.15
C SER A 218 -12.04 -9.57 0.68
N THR A 219 -11.52 -9.73 1.90
CA THR A 219 -11.20 -11.03 2.47
C THR A 219 -11.67 -11.15 3.92
N ILE A 220 -11.50 -12.34 4.50
CA ILE A 220 -11.59 -12.48 5.93
C ILE A 220 -10.22 -12.06 6.44
N THR A 221 -10.17 -11.51 7.65
CA THR A 221 -8.92 -11.03 8.23
C THR A 221 -8.76 -11.56 9.63
N ALA A 222 -7.54 -11.96 9.99
CA ALA A 222 -7.19 -12.29 11.37
C ALA A 222 -5.87 -11.61 11.71
N PRO A 223 -5.45 -11.66 12.99
CA PRO A 223 -4.10 -11.18 13.33
C PRO A 223 -2.99 -12.08 12.78
N THR A 224 -1.80 -11.52 12.56
CA THR A 224 -0.70 -12.30 11.96
C THR A 224 -0.31 -13.50 12.80
N SER A 225 -0.18 -13.27 14.10
CA SER A 225 0.15 -14.33 15.07
C SER A 225 -0.75 -15.57 14.97
N PHE A 226 -2.06 -15.32 14.91
CA PHE A 226 -3.10 -16.36 14.85
C PHE A 226 -3.11 -17.08 13.51
N LEU A 227 -2.74 -16.37 12.44
CA LEU A 227 -2.75 -16.92 11.08
C LEU A 227 -1.49 -17.65 10.69
N ASN A 228 -0.35 -17.31 11.28
CA ASN A 228 0.88 -18.08 11.08
C ASN A 228 0.57 -19.52 11.46
N LYS A 229 -0.04 -19.67 12.64
CA LYS A 229 -0.46 -20.96 13.18
C LYS A 229 -1.31 -21.72 12.17
N PHE A 230 -2.42 -21.10 11.75
CA PHE A 230 -3.38 -21.71 10.83
C PHE A 230 -2.80 -22.01 9.44
N PHE A 231 -2.27 -21.00 8.77
CA PHE A 231 -1.65 -21.17 7.44
C PHE A 231 -0.43 -22.08 7.40
N ARG A 232 0.36 -22.16 8.47
CA ARG A 232 1.49 -23.10 8.49
C ARG A 232 0.98 -24.49 8.09
N ASP A 233 0.10 -25.06 8.93
CA ASP A 233 -0.43 -26.42 8.71
C ASP A 233 -1.67 -26.39 7.80
N MET A 234 -1.48 -25.92 6.58
CA MET A 234 -2.52 -25.84 5.53
C MET A 234 -1.86 -25.81 4.15
N ASN A 235 -0.68 -26.43 4.01
CA ASN A 235 0.29 -26.18 2.94
C ASN A 235 -0.14 -25.12 1.90
N VAL A 236 -0.19 -23.88 2.35
CA VAL A 236 -0.40 -22.73 1.49
C VAL A 236 0.98 -22.20 1.09
N ILE A 237 1.00 -21.21 0.21
CA ILE A 237 2.21 -20.44 -0.11
C ILE A 237 1.82 -19.00 -0.41
N LYS A 238 2.59 -18.08 0.16
CA LYS A 238 2.52 -16.68 -0.20
C LYS A 238 3.44 -16.53 -1.39
N VAL A 239 2.95 -15.95 -2.47
CA VAL A 239 3.82 -15.49 -3.55
C VAL A 239 4.59 -14.29 -2.96
N PRO A 240 5.94 -14.29 -3.06
CA PRO A 240 6.66 -13.21 -2.39
C PRO A 240 6.13 -11.80 -2.66
N PHE A 241 5.62 -11.18 -1.59
CA PHE A 241 5.51 -9.71 -1.42
C PHE A 241 4.22 -9.08 -1.95
N LEU A 242 3.19 -9.91 -2.18
CA LEU A 242 1.81 -9.46 -2.43
C LEU A 242 0.83 -10.31 -1.59
N PRO A 243 -0.35 -9.73 -1.24
CA PRO A 243 -1.28 -10.36 -0.31
C PRO A 243 -2.13 -11.42 -1.06
N LEU A 244 -1.44 -12.49 -1.39
CA LEU A 244 -1.94 -13.59 -2.21
C LEU A 244 -1.41 -14.83 -1.55
N TYR A 245 -2.29 -15.57 -0.89
CA TYR A 245 -1.94 -16.86 -0.35
C TYR A 245 -2.60 -17.93 -1.20
N VAL A 246 -1.81 -18.88 -1.67
CA VAL A 246 -2.24 -19.84 -2.67
C VAL A 246 -2.14 -21.24 -2.13
N THR A 247 -3.14 -22.06 -2.41
CA THR A 247 -3.13 -23.48 -2.11
C THR A 247 -3.76 -24.20 -3.27
N THR A 248 -3.70 -25.54 -3.24
CA THR A 248 -4.28 -26.31 -4.32
C THR A 248 -5.80 -26.30 -4.15
N CYS A 249 -6.47 -26.29 -5.28
CA CYS A 249 -7.90 -26.07 -5.33
C CYS A 249 -8.62 -27.30 -4.79
N ASP A 250 -8.14 -28.48 -5.18
CA ASP A 250 -8.44 -29.73 -4.46
C ASP A 250 -7.62 -29.88 -3.17
N ASN A 251 -8.00 -29.17 -2.12
CA ASN A 251 -7.50 -29.47 -0.81
C ASN A 251 -8.63 -29.97 0.10
N ASP A 252 -8.53 -31.22 0.55
CA ASP A 252 -9.53 -31.84 1.43
C ASP A 252 -9.57 -31.23 2.86
N ASP A 253 -8.44 -30.68 3.32
CA ASP A 253 -8.25 -30.28 4.74
C ASP A 253 -8.83 -28.94 5.17
N LEU A 254 -9.04 -28.07 4.19
CA LEU A 254 -9.62 -26.76 4.42
C LEU A 254 -10.95 -26.80 5.18
N PRO A 255 -10.99 -26.23 6.40
CA PRO A 255 -12.16 -26.32 7.28
C PRO A 255 -13.21 -25.29 6.97
N THR A 256 -14.46 -25.62 7.25
CA THR A 256 -15.53 -24.63 7.38
C THR A 256 -15.30 -23.80 8.65
N LEU A 257 -15.00 -22.52 8.48
CA LEU A 257 -14.67 -21.64 9.61
C LEU A 257 -15.94 -21.41 10.43
N GLU A 258 -15.81 -21.26 11.75
CA GLU A 258 -16.97 -21.05 12.64
C GLU A 258 -16.91 -19.72 13.39
N PHE A 259 -18.09 -19.16 13.64
CA PHE A 259 -18.27 -17.85 14.27
C PHE A 259 -19.42 -17.94 15.27
N HIS A 260 -19.12 -18.07 16.56
CA HIS A 260 -20.16 -18.23 17.59
C HIS A 260 -20.39 -16.92 18.33
N SER A 261 -21.65 -16.62 18.61
CA SER A 261 -22.03 -15.46 19.40
C SER A 261 -22.67 -16.01 20.68
N ARG A 262 -23.11 -15.15 21.60
CA ARG A 262 -23.82 -15.64 22.79
C ARG A 262 -25.09 -16.43 22.44
N ASN A 263 -25.70 -16.16 21.28
CA ASN A 263 -26.95 -16.79 20.85
C ASN A 263 -26.93 -17.58 19.52
N ASN A 264 -25.91 -17.37 18.67
CA ASN A 264 -25.97 -17.80 17.24
C ASN A 264 -24.63 -18.34 16.75
N LYS A 265 -24.70 -19.36 15.88
CA LYS A 265 -23.54 -19.87 15.15
C LYS A 265 -23.62 -19.43 13.69
N TYR A 266 -22.50 -18.93 13.17
CA TYR A 266 -22.34 -18.66 11.74
C TYR A 266 -21.14 -19.46 11.25
N THR A 267 -21.26 -19.98 10.02
CA THR A 267 -20.17 -20.77 9.42
C THR A 267 -19.88 -20.32 7.98
N LEU A 268 -18.62 -20.44 7.59
CA LEU A 268 -18.14 -20.04 6.25
C LEU A 268 -17.34 -21.16 5.57
N GLU A 269 -17.96 -21.78 4.56
CA GLU A 269 -17.40 -22.97 3.85
C GLU A 269 -16.24 -22.53 2.98
N PRO A 270 -15.41 -23.48 2.54
CA PRO A 270 -14.26 -23.10 1.71
C PRO A 270 -14.60 -22.42 0.39
N GLU A 271 -15.70 -22.80 -0.26
CA GLU A 271 -16.09 -22.15 -1.52
C GLU A 271 -16.22 -20.64 -1.37
N PHE A 272 -16.71 -20.17 -0.22
CA PHE A 272 -16.87 -18.74 0.04
C PHE A 272 -15.58 -17.96 0.32
N TYR A 273 -14.51 -18.64 0.74
CA TYR A 273 -13.22 -17.99 1.02
C TYR A 273 -12.06 -18.33 0.07
N MET A 274 -12.31 -19.05 -1.02
CA MET A 274 -11.25 -19.28 -2.04
C MET A 274 -11.79 -19.41 -3.44
N ASP A 275 -10.94 -19.14 -4.42
CA ASP A 275 -11.31 -19.18 -5.82
C ASP A 275 -10.11 -19.42 -6.66
N PRO A 276 -10.25 -19.90 -7.89
CA PRO A 276 -9.08 -20.21 -8.74
C PRO A 276 -8.37 -18.98 -9.31
N LEU A 277 -7.04 -19.10 -9.47
CA LEU A 277 -6.26 -18.13 -10.23
C LEU A 277 -6.48 -18.32 -11.72
N SER A 278 -7.64 -17.86 -12.20
CA SER A 278 -8.05 -18.05 -13.59
C SER A 278 -7.23 -17.22 -14.58
N ASP A 279 -6.43 -16.26 -14.09
CA ASP A 279 -5.42 -15.55 -14.90
C ASP A 279 -4.03 -16.19 -14.83
N ILE A 280 -3.80 -17.25 -14.04
CA ILE A 280 -2.49 -17.89 -13.87
C ILE A 280 -2.65 -19.38 -14.20
N ASP A 281 -2.84 -20.24 -13.19
CA ASP A 281 -3.05 -21.69 -13.34
C ASP A 281 -4.34 -21.96 -12.59
N PRO A 282 -5.38 -22.47 -13.26
CA PRO A 282 -6.67 -22.70 -12.58
C PRO A 282 -6.75 -23.89 -11.60
N ALA A 283 -5.76 -24.78 -11.61
CA ALA A 283 -5.66 -25.83 -10.58
C ALA A 283 -5.23 -25.28 -9.20
N LEU A 284 -4.59 -24.12 -9.20
CA LEU A 284 -4.20 -23.45 -7.96
C LEU A 284 -5.26 -22.46 -7.54
N CYS A 285 -5.39 -22.28 -6.24
CA CYS A 285 -6.48 -21.54 -5.64
C CYS A 285 -6.01 -20.50 -4.63
N MET A 286 -6.73 -19.40 -4.58
CA MET A 286 -6.32 -18.21 -3.85
C MET A 286 -7.21 -18.12 -2.62
N LEU A 287 -6.58 -17.93 -1.46
CA LEU A 287 -7.31 -17.96 -0.21
C LEU A 287 -7.65 -16.55 0.11
N TYR A 288 -8.93 -16.26 0.29
CA TYR A 288 -9.37 -14.94 0.73
C TYR A 288 -9.28 -14.82 2.27
N ILE A 289 -8.07 -14.99 2.79
CA ILE A 289 -7.74 -14.80 4.21
C ILE A 289 -6.41 -14.07 4.24
N LEU A 290 -6.36 -12.91 4.90
CA LEU A 290 -5.15 -12.08 4.95
C LEU A 290 -4.85 -11.77 6.39
N PRO A 291 -3.57 -11.75 6.79
CA PRO A 291 -3.25 -11.24 8.12
C PRO A 291 -3.32 -9.72 8.11
N VAL A 292 -4.13 -9.16 8.99
CA VAL A 292 -4.19 -7.71 9.21
C VAL A 292 -4.21 -7.50 10.73
N ASP A 293 -3.17 -6.86 11.24
CA ASP A 293 -3.07 -6.54 12.65
C ASP A 293 -3.64 -5.15 12.94
N ILE A 294 -4.82 -5.16 13.58
CA ILE A 294 -5.43 -3.96 14.15
C ILE A 294 -4.98 -3.90 15.60
N ASP A 295 -5.24 -4.98 16.34
CA ASP A 295 -4.74 -5.14 17.70
C ASP A 295 -4.57 -6.64 18.00
N ASP A 296 -4.68 -7.06 19.26
CA ASP A 296 -4.49 -8.48 19.60
C ASP A 296 -5.63 -9.43 19.17
N ASN A 297 -6.84 -8.91 18.93
CA ASN A 297 -8.02 -9.77 18.72
C ASN A 297 -9.08 -9.31 17.70
N THR A 298 -8.73 -8.43 16.77
CA THR A 298 -9.70 -8.00 15.77
C THR A 298 -9.60 -8.82 14.47
N PHE A 299 -10.76 -9.34 14.06
CA PHE A 299 -10.97 -9.98 12.75
C PHE A 299 -11.90 -9.09 11.92
N ILE A 300 -11.65 -9.01 10.60
CA ILE A 300 -12.54 -8.32 9.66
C ILE A 300 -13.33 -9.44 9.00
N LEU A 301 -14.64 -9.44 9.21
CA LEU A 301 -15.53 -10.30 8.45
C LEU A 301 -15.87 -9.50 7.22
N GLY A 302 -15.05 -9.68 6.19
CA GLY A 302 -15.22 -8.96 4.93
C GLY A 302 -16.17 -9.63 3.96
N ASP A 303 -15.88 -9.44 2.69
CA ASP A 303 -16.74 -9.87 1.60
C ASP A 303 -17.01 -11.37 1.55
N PRO A 304 -16.01 -12.21 1.88
CA PRO A 304 -16.31 -13.65 1.89
C PRO A 304 -17.52 -14.00 2.74
N PHE A 305 -17.57 -13.42 3.94
CA PHE A 305 -18.66 -13.62 4.89
C PHE A 305 -19.96 -13.12 4.30
N MET A 306 -19.91 -11.88 3.82
CA MET A 306 -21.09 -11.20 3.29
C MET A 306 -21.62 -11.83 1.99
N ARG A 307 -20.76 -12.53 1.23
CA ARG A 307 -21.20 -13.19 0.01
C ARG A 307 -22.04 -14.42 0.33
N LYS A 308 -21.83 -15.02 1.49
CA LYS A 308 -22.74 -16.07 2.01
C LYS A 308 -23.93 -15.48 2.77
N TYR A 309 -23.62 -14.54 3.65
CA TYR A 309 -24.62 -14.03 4.61
C TYR A 309 -25.11 -12.66 4.21
N PHE A 310 -26.38 -12.60 3.81
CA PHE A 310 -27.10 -11.34 3.74
C PHE A 310 -27.01 -10.60 5.07
N THR A 311 -26.86 -9.28 4.99
CA THR A 311 -26.45 -8.47 6.13
C THR A 311 -27.30 -7.23 6.29
N VAL A 312 -27.68 -6.94 7.53
CA VAL A 312 -28.52 -5.80 7.88
C VAL A 312 -27.78 -4.99 8.93
N PHE A 313 -27.52 -3.74 8.64
CA PHE A 313 -26.87 -2.84 9.58
C PHE A 313 -27.93 -1.84 10.05
N ASP A 314 -28.24 -1.87 11.35
CA ASP A 314 -29.38 -1.16 11.92
C ASP A 314 -28.90 -0.20 13.00
N TYR A 315 -28.90 1.11 12.69
CA TYR A 315 -28.48 2.14 13.64
C TYR A 315 -29.47 2.30 14.82
N GLU A 316 -30.74 1.96 14.58
CA GLU A 316 -31.78 2.09 15.63
C GLU A 316 -31.64 0.96 16.67
N LYS A 317 -31.27 -0.23 16.20
CA LYS A 317 -31.00 -1.38 17.05
C LYS A 317 -29.55 -1.48 17.56
N GLU A 318 -28.61 -0.73 16.97
CA GLU A 318 -27.18 -0.83 17.29
C GLU A 318 -26.72 -2.29 17.18
N SER A 319 -26.93 -2.87 16.00
CA SER A 319 -26.62 -4.27 15.77
C SER A 319 -26.59 -4.62 14.28
N VAL A 320 -26.04 -5.80 13.99
CA VAL A 320 -25.97 -6.34 12.64
C VAL A 320 -26.81 -7.62 12.54
N GLY A 321 -27.71 -7.66 11.56
CA GLY A 321 -28.57 -8.83 11.28
C GLY A 321 -27.98 -9.68 10.19
N PHE A 322 -27.88 -10.98 10.45
CA PHE A 322 -27.33 -11.94 9.48
C PHE A 322 -28.37 -12.99 9.09
N ALA A 323 -28.40 -13.32 7.80
CA ALA A 323 -29.19 -14.43 7.31
C ALA A 323 -28.53 -14.98 6.07
N VAL A 324 -28.75 -16.25 5.79
CA VAL A 324 -28.21 -16.91 4.59
C VAL A 324 -28.85 -16.28 3.35
N ALA A 325 -28.02 -15.71 2.47
CA ALA A 325 -28.49 -15.07 1.25
C ALA A 325 -29.15 -16.06 0.29
N LYS A 326 -30.08 -15.56 -0.52
CA LYS A 326 -30.81 -16.36 -1.51
C LYS A 326 -30.10 -16.23 -2.89
N ASN A 327 -30.66 -16.85 -3.93
CA ASN A 327 -30.03 -16.97 -5.28
C ASN A 327 -28.68 -17.69 -5.21
N SER B 5 31.47 -1.09 5.16
CA SER B 5 30.69 -2.14 4.43
C SER B 5 29.55 -2.74 5.29
N ILE B 6 28.31 -2.56 4.83
CA ILE B 6 27.07 -2.91 5.60
C ILE B 6 26.26 -3.98 4.86
N GLU B 7 26.07 -5.13 5.52
CA GLU B 7 25.40 -6.28 4.91
C GLU B 7 23.90 -6.01 4.71
N LEU B 8 23.40 -6.38 3.53
CA LEU B 8 22.01 -6.14 3.12
C LEU B 8 21.25 -7.48 2.93
N ASP B 9 20.18 -7.66 3.70
CA ASP B 9 19.22 -8.75 3.47
C ASP B 9 18.49 -8.51 2.15
N ASP B 10 18.27 -9.57 1.39
CA ASP B 10 17.51 -9.51 0.13
C ASP B 10 16.18 -10.20 0.38
N VAL B 11 15.07 -9.58 -0.01
CA VAL B 11 13.75 -10.21 0.13
C VAL B 11 13.02 -10.19 -1.23
N ALA B 12 13.11 -11.33 -1.93
CA ALA B 12 12.45 -11.57 -3.22
C ALA B 12 12.92 -10.64 -4.37
N ASN B 13 14.14 -10.12 -4.26
CA ASN B 13 14.73 -9.11 -5.20
C ASN B 13 13.98 -7.77 -5.29
N LEU B 14 13.06 -7.54 -4.35
CA LEU B 14 12.23 -6.34 -4.31
C LEU B 14 12.60 -5.39 -3.18
N MET B 15 13.25 -5.91 -2.13
CA MET B 15 13.62 -5.08 -0.99
C MET B 15 14.96 -5.49 -0.36
N PHE B 16 15.70 -4.46 0.07
CA PHE B 16 17.02 -4.63 0.69
C PHE B 16 17.12 -3.70 1.88
N TYR B 17 17.40 -4.27 3.06
CA TYR B 17 17.70 -3.48 4.27
C TYR B 17 18.89 -4.06 5.01
N GLY B 18 19.58 -3.20 5.76
CA GLY B 18 20.69 -3.59 6.62
C GLY B 18 20.60 -2.89 7.98
N GLU B 19 21.50 -3.26 8.88
CA GLU B 19 21.47 -2.76 10.25
C GLU B 19 22.07 -1.38 10.33
N GLY B 20 21.50 -0.56 11.21
CA GLY B 20 22.11 0.68 11.68
C GLY B 20 21.75 0.83 13.14
N GLN B 21 22.45 1.70 13.87
CA GLN B 21 22.07 2.02 15.27
C GLN B 21 21.98 3.50 15.55
N ILE B 22 21.10 3.87 16.48
CA ILE B 22 20.99 5.24 16.95
C ILE B 22 21.23 5.23 18.47
N GLY B 23 22.05 6.15 18.94
CA GLY B 23 22.11 6.48 20.35
C GLY B 23 23.14 5.73 21.16
N THR B 24 23.30 6.21 22.38
CA THR B 24 24.28 5.70 23.35
C THR B 24 24.12 4.22 23.64
N ASN B 25 22.88 3.76 23.69
CA ASN B 25 22.57 2.35 23.96
C ASN B 25 22.50 1.51 22.67
N LYS B 26 23.04 2.03 21.57
CA LYS B 26 23.17 1.29 20.32
C LYS B 26 21.87 0.60 20.02
N GLN B 27 20.83 1.42 19.85
CA GLN B 27 19.50 0.94 19.54
C GLN B 27 19.46 0.50 18.08
N PRO B 28 19.19 -0.81 17.83
CA PRO B 28 19.28 -1.32 16.47
C PRO B 28 17.99 -1.10 15.71
N PHE B 29 18.16 -0.80 14.42
CA PHE B 29 17.07 -0.67 13.48
C PHE B 29 17.48 -1.33 12.18
N MET B 30 16.50 -1.83 11.42
CA MET B 30 16.69 -2.20 10.02
C MET B 30 16.31 -1.04 9.11
N PHE B 31 17.22 -0.67 8.23
CA PHE B 31 17.03 0.47 7.33
C PHE B 31 17.06 0.02 5.89
N ILE B 32 16.08 0.48 5.12
CA ILE B 32 16.22 0.56 3.67
C ILE B 32 17.24 1.69 3.48
N PHE B 33 18.42 1.37 2.94
CA PHE B 33 19.37 2.39 2.54
C PHE B 33 19.00 2.85 1.13
N ASP B 34 18.60 4.12 1.01
CA ASP B 34 17.73 4.59 -0.06
C ASP B 34 18.32 5.79 -0.81
N THR B 35 18.86 5.52 -2.00
CA THR B 35 19.46 6.58 -2.81
C THR B 35 18.44 7.54 -3.43
N GLY B 36 17.14 7.20 -3.36
CA GLY B 36 16.06 8.06 -3.85
C GLY B 36 15.47 9.00 -2.81
N SER B 37 16.05 9.00 -1.60
CA SER B 37 15.59 9.78 -0.45
C SER B 37 16.81 10.51 0.16
N ALA B 38 16.60 11.52 0.98
CA ALA B 38 17.73 12.17 1.69
C ALA B 38 17.44 12.58 3.15
N ASN B 39 16.66 11.76 3.84
CA ASN B 39 16.39 11.92 5.29
C ASN B 39 16.42 10.54 5.94
N LEU B 40 17.05 10.48 7.11
CA LEU B 40 16.98 9.34 8.02
C LEU B 40 15.72 9.50 8.86
N TRP B 41 14.94 8.45 8.97
CA TRP B 41 13.86 8.43 9.96
C TRP B 41 13.78 7.08 10.66
N VAL B 42 13.38 7.08 11.92
CA VAL B 42 13.11 5.84 12.65
C VAL B 42 11.78 5.99 13.38
N PRO B 43 11.05 4.89 13.56
CA PRO B 43 9.78 4.97 14.27
C PRO B 43 10.02 5.17 15.77
N SER B 44 9.30 6.14 16.34
CA SER B 44 9.45 6.55 17.73
C SER B 44 8.67 5.63 18.62
N VAL B 45 9.03 5.62 19.89
CA VAL B 45 8.27 4.89 20.89
C VAL B 45 6.91 5.60 21.12
N ASN B 46 6.78 6.85 20.65
CA ASN B 46 5.50 7.56 20.60
C ASN B 46 4.72 7.30 19.29
N CYS B 47 5.15 6.36 18.45
CA CYS B 47 4.38 6.01 17.26
C CYS B 47 3.24 5.07 17.63
N ASP B 48 2.02 5.59 17.55
CA ASP B 48 0.80 4.84 17.90
C ASP B 48 0.16 4.10 16.71
N SER B 49 0.76 4.18 15.52
CA SER B 49 0.25 3.49 14.31
C SER B 49 0.38 1.98 14.43
N ILE B 50 -0.58 1.23 13.88
CA ILE B 50 -0.46 -0.24 13.84
C ILE B 50 0.83 -0.71 13.17
N GLY B 51 1.27 -0.05 12.11
CA GLY B 51 2.52 -0.42 11.47
C GLY B 51 3.65 -0.47 12.48
N CYS B 52 3.63 0.46 13.44
CA CYS B 52 4.68 0.56 14.46
C CYS B 52 4.71 -0.53 15.55
N SER B 53 3.62 -1.26 15.73
CA SER B 53 3.57 -2.28 16.78
C SER B 53 4.54 -3.45 16.57
N THR B 54 4.96 -3.70 15.33
CA THR B 54 5.93 -4.76 15.02
C THR B 54 7.36 -4.29 14.75
N LYS B 55 7.62 -3.00 14.95
CA LYS B 55 8.92 -2.41 14.63
C LYS B 55 9.79 -2.18 15.87
N HIS B 56 11.10 -2.15 15.65
CA HIS B 56 12.04 -1.61 16.62
C HIS B 56 11.89 -0.10 16.63
N LEU B 57 11.63 0.44 17.84
CA LEU B 57 11.28 1.84 18.09
C LEU B 57 12.47 2.59 18.67
N TYR B 58 12.42 3.92 18.66
CA TYR B 58 13.50 4.73 19.22
C TYR B 58 13.03 5.38 20.51
N ASP B 59 13.80 5.17 21.57
CA ASP B 59 13.52 5.77 22.86
C ASP B 59 14.60 6.79 23.13
N ALA B 60 14.34 8.04 22.82
CA ALA B 60 15.27 9.13 23.19
C ALA B 60 15.75 9.10 24.68
N SER B 61 14.85 8.77 25.60
CA SER B 61 15.17 8.81 27.02
C SER B 61 16.19 7.73 27.44
N ALA B 62 16.41 6.74 26.58
CA ALA B 62 17.45 5.73 26.75
C ALA B 62 18.87 6.19 26.32
N SER B 63 18.96 7.18 25.44
CA SER B 63 20.22 7.63 24.85
C SER B 63 20.66 8.90 25.54
N LYS B 64 21.86 8.90 26.13
CA LYS B 64 22.40 10.11 26.78
C LYS B 64 23.00 11.09 25.79
N SER B 65 23.18 10.68 24.52
CA SER B 65 23.64 11.56 23.45
C SER B 65 22.48 12.22 22.67
N TYR B 66 21.24 11.80 22.94
CA TYR B 66 20.06 12.41 22.32
C TYR B 66 19.98 13.91 22.58
N GLU B 67 19.67 14.65 21.52
CA GLU B 67 19.41 16.09 21.60
C GLU B 67 18.01 16.41 21.02
N LYS B 68 17.23 17.17 21.77
CA LYS B 68 15.87 17.54 21.41
C LYS B 68 15.83 18.63 20.32
N ASP B 69 14.94 18.43 19.35
CA ASP B 69 14.60 19.44 18.37
C ASP B 69 13.08 19.59 18.41
N GLY B 70 12.36 18.61 17.88
CA GLY B 70 10.91 18.54 18.00
C GLY B 70 10.14 19.30 16.94
N THR B 71 10.85 19.92 16.01
CA THR B 71 10.20 20.53 14.89
C THR B 71 9.48 19.44 14.11
N LYS B 72 8.21 19.72 13.80
CA LYS B 72 7.39 18.77 13.03
C LYS B 72 7.82 18.75 11.58
N VAL B 73 7.69 17.58 10.96
CA VAL B 73 8.25 17.32 9.63
C VAL B 73 7.60 16.07 9.00
N GLU B 74 7.53 16.06 7.67
CA GLU B 74 6.84 15.04 6.89
C GLU B 74 7.71 14.62 5.68
N ILE B 75 7.71 13.33 5.34
CA ILE B 75 8.41 12.82 4.15
C ILE B 75 7.41 12.04 3.32
N SER B 76 7.30 12.37 2.03
CA SER B 76 6.44 11.61 1.13
C SER B 76 7.31 10.76 0.22
N TYR B 77 6.90 9.51 0.02
CA TYR B 77 7.52 8.60 -0.92
C TYR B 77 6.42 8.13 -1.89
N GLY B 78 6.81 7.44 -2.96
CA GLY B 78 5.85 6.77 -3.81
C GLY B 78 4.99 5.74 -3.10
N SER B 79 5.52 5.15 -2.01
CA SER B 79 4.81 4.11 -1.28
C SER B 79 4.09 4.62 -0.04
N GLY B 80 4.17 5.92 0.20
CA GLY B 80 3.34 6.57 1.20
C GLY B 80 4.09 7.64 1.96
N THR B 81 3.45 8.17 2.98
CA THR B 81 3.98 9.27 3.77
C THR B 81 4.20 8.88 5.24
N VAL B 82 5.33 9.34 5.78
CA VAL B 82 5.60 9.25 7.22
C VAL B 82 5.72 10.64 7.78
N ARG B 83 5.55 10.72 9.09
CA ARG B 83 5.31 12.00 9.73
C ARG B 83 5.82 11.88 11.14
N GLY B 84 6.48 12.92 11.61
CA GLY B 84 7.07 12.88 12.92
C GLY B 84 7.67 14.21 13.28
N TYR B 85 8.72 14.18 14.09
CA TYR B 85 9.39 15.39 14.49
C TYR B 85 10.86 15.15 14.54
N PHE B 86 11.62 16.22 14.35
CA PHE B 86 13.08 16.13 14.29
C PHE B 86 13.70 15.84 15.64
N SER B 87 14.79 15.08 15.61
CA SER B 87 15.63 14.86 16.78
C SER B 87 17.07 14.74 16.29
N LYS B 88 18.02 14.91 17.20
CA LYS B 88 19.45 14.74 16.89
C LYS B 88 20.02 13.67 17.82
N ASP B 89 20.84 12.79 17.25
CA ASP B 89 21.59 11.77 18.03
C ASP B 89 22.76 11.21 17.20
N VAL B 90 23.60 10.38 17.83
CA VAL B 90 24.68 9.70 17.12
C VAL B 90 24.16 8.46 16.39
N ILE B 91 24.38 8.41 15.08
CA ILE B 91 24.00 7.29 14.23
C ILE B 91 25.25 6.49 13.95
N SER B 92 25.17 5.17 14.10
CA SER B 92 26.27 4.28 13.77
C SER B 92 25.94 3.41 12.56
N LEU B 93 26.94 3.19 11.69
CA LEU B 93 26.82 2.39 10.47
C LEU B 93 28.12 1.64 10.25
N GLY B 94 28.11 0.34 10.54
CA GLY B 94 29.35 -0.42 10.59
C GLY B 94 30.09 0.13 11.78
N ASP B 95 31.38 0.42 11.60
CA ASP B 95 32.20 1.03 12.67
C ASP B 95 32.38 2.55 12.50
N LEU B 96 31.48 3.18 11.75
CA LEU B 96 31.46 4.64 11.57
C LEU B 96 30.35 5.24 12.45
N SER B 97 30.60 6.41 13.03
CA SER B 97 29.61 7.12 13.88
C SER B 97 29.62 8.57 13.56
N LEU B 98 28.44 9.18 13.54
CA LEU B 98 28.36 10.61 13.51
C LEU B 98 27.10 11.07 14.20
N PRO B 99 27.12 12.30 14.76
CA PRO B 99 25.88 12.97 15.16
C PRO B 99 25.06 13.31 13.92
N TYR B 100 23.74 13.25 14.02
CA TYR B 100 22.89 13.46 12.86
C TYR B 100 21.50 13.88 13.25
N LYS B 101 20.90 14.72 12.42
CA LYS B 101 19.54 15.19 12.60
C LYS B 101 18.68 14.22 11.82
N PHE B 102 17.67 13.66 12.49
CA PHE B 102 16.82 12.62 11.90
C PHE B 102 15.39 12.82 12.36
N ILE B 103 14.47 11.96 11.90
CA ILE B 103 13.04 12.12 12.15
C ILE B 103 12.58 11.00 13.09
N GLU B 104 12.10 11.36 14.28
CA GLU B 104 11.35 10.43 15.12
C GLU B 104 9.95 10.37 14.48
N VAL B 105 9.66 9.30 13.74
CA VAL B 105 8.34 9.10 13.13
C VAL B 105 7.29 8.73 14.19
N THR B 106 6.18 9.45 14.12
CA THR B 106 5.09 9.39 15.06
C THR B 106 3.82 8.84 14.41
N ASP B 107 3.60 9.20 13.16
CA ASP B 107 2.44 8.73 12.40
C ASP B 107 2.94 8.06 11.14
N ALA B 108 2.80 6.75 11.07
CA ALA B 108 3.17 6.01 9.88
C ALA B 108 1.95 5.38 9.18
N ASP B 109 0.75 5.87 9.51
CA ASP B 109 -0.48 5.28 8.97
C ASP B 109 -0.61 5.47 7.46
N ASP B 110 0.06 6.48 6.90
CA ASP B 110 -0.01 6.76 5.46
C ASP B 110 0.93 5.90 4.61
N LEU B 111 1.71 5.02 5.23
CA LEU B 111 2.66 4.13 4.52
C LEU B 111 2.09 2.74 4.52
N GLU B 112 0.77 2.62 4.72
CA GLU B 112 0.26 1.46 5.43
C GLU B 112 -0.60 0.50 4.64
N PRO B 113 -0.22 0.24 3.37
CA PRO B 113 -0.19 -1.19 3.00
C PRO B 113 1.22 -1.75 3.25
N ILE B 114 2.25 -1.03 2.82
CA ILE B 114 3.65 -1.52 2.81
C ILE B 114 4.37 -1.73 4.17
N TYR B 115 4.24 -0.77 5.08
CA TYR B 115 5.09 -0.72 6.28
C TYR B 115 4.86 -1.89 7.23
N SER B 116 3.60 -2.17 7.56
CA SER B 116 3.27 -3.36 8.36
C SER B 116 3.55 -4.65 7.60
N GLY B 117 3.44 -4.63 6.27
CA GLY B 117 3.77 -5.79 5.45
C GLY B 117 5.25 -6.16 5.30
N SER B 118 6.16 -5.26 5.66
CA SER B 118 7.59 -5.42 5.41
C SER B 118 8.35 -5.42 6.72
N GLU B 119 9.61 -5.88 6.66
CA GLU B 119 10.47 -6.12 7.81
C GLU B 119 11.40 -4.97 8.15
N PHE B 120 11.38 -3.90 7.36
CA PHE B 120 12.20 -2.73 7.66
C PHE B 120 11.59 -1.85 8.79
N ASP B 121 12.46 -1.17 9.53
CA ASP B 121 12.06 -0.20 10.58
C ASP B 121 11.99 1.22 10.06
N GLY B 122 13.04 1.67 9.39
CA GLY B 122 13.10 3.03 8.88
C GLY B 122 13.84 3.13 7.56
N ILE B 123 13.91 4.33 7.01
CA ILE B 123 14.67 4.59 5.79
C ILE B 123 15.87 5.47 6.14
N LEU B 124 17.02 5.17 5.55
CA LEU B 124 18.22 6.03 5.59
C LEU B 124 18.53 6.54 4.17
N GLY B 125 18.27 7.83 3.96
CA GLY B 125 18.46 8.47 2.66
C GLY B 125 19.92 8.61 2.31
N LEU B 126 20.24 8.33 1.04
CA LEU B 126 21.60 8.49 0.52
C LEU B 126 21.66 9.42 -0.69
N GLY B 127 20.69 10.32 -0.79
CA GLY B 127 20.66 11.33 -1.85
C GLY B 127 21.45 12.56 -1.49
N TRP B 128 21.18 13.65 -2.20
CA TRP B 128 21.87 14.92 -2.01
C TRP B 128 21.10 15.86 -1.08
N LYS B 129 21.82 16.82 -0.50
CA LYS B 129 21.27 17.82 0.41
C LYS B 129 19.95 18.46 -0.07
N ASP B 130 19.90 18.86 -1.34
CA ASP B 130 18.74 19.58 -1.89
C ASP B 130 17.48 18.72 -1.98
N LEU B 131 17.61 17.40 -2.06
CA LEU B 131 16.44 16.51 -2.01
C LEU B 131 15.82 16.45 -0.61
N SER B 132 16.65 16.58 0.42
CA SER B 132 16.22 16.43 1.82
C SER B 132 15.22 17.51 2.27
N ILE B 133 14.35 17.11 3.18
CA ILE B 133 13.51 18.04 3.92
C ILE B 133 14.34 18.52 5.13
N GLY B 134 14.42 19.84 5.30
CA GLY B 134 15.27 20.45 6.34
C GLY B 134 16.72 20.73 5.94
N SER B 135 17.07 20.46 4.69
CA SER B 135 18.37 20.79 4.15
C SER B 135 19.52 20.21 5.00
N ILE B 136 19.48 18.89 5.14
CA ILE B 136 20.43 18.14 5.97
C ILE B 136 21.54 17.66 5.05
N ASP B 137 22.79 17.68 5.54
CA ASP B 137 23.92 17.18 4.75
C ASP B 137 23.95 15.67 4.80
N PRO B 138 24.20 15.03 3.65
CA PRO B 138 24.17 13.56 3.69
C PRO B 138 25.23 12.94 4.59
N VAL B 139 24.93 11.74 5.07
CA VAL B 139 25.81 11.00 5.97
C VAL B 139 27.20 10.85 5.37
N VAL B 140 27.27 10.42 4.12
CA VAL B 140 28.55 10.14 3.48
C VAL B 140 29.35 11.44 3.26
N VAL B 141 28.67 12.49 2.84
CA VAL B 141 29.27 13.81 2.72
C VAL B 141 29.85 14.27 4.06
N GLU B 142 29.03 14.16 5.12
CA GLU B 142 29.48 14.56 6.47
C GLU B 142 30.67 13.71 6.92
N LEU B 143 30.50 12.40 6.85
CA LEU B 143 31.58 11.46 7.21
C LEU B 143 32.93 11.80 6.61
N LYS B 144 32.95 12.17 5.33
CA LYS B 144 34.17 12.63 4.66
C LYS B 144 34.72 13.93 5.27
N LYS B 145 33.86 14.91 5.50
CA LYS B 145 34.28 16.17 6.13
C LYS B 145 34.90 15.98 7.51
N GLN B 146 34.41 15.01 8.26
CA GLN B 146 34.93 14.63 9.58
C GLN B 146 36.13 13.69 9.49
N ASN B 147 36.54 13.33 8.28
CA ASN B 147 37.71 12.52 8.00
C ASN B 147 37.58 11.11 8.60
N LYS B 148 36.36 10.58 8.55
CA LYS B 148 36.06 9.24 9.02
C LYS B 148 36.09 8.20 7.87
N ILE B 149 36.05 8.67 6.62
CA ILE B 149 36.18 7.82 5.44
C ILE B 149 37.13 8.49 4.43
N ASP B 150 37.64 7.67 3.51
CA ASP B 150 38.63 8.14 2.54
C ASP B 150 38.04 9.08 1.47
N ASN B 151 36.85 8.76 0.95
CA ASN B 151 36.20 9.60 -0.05
C ASN B 151 34.71 9.72 0.24
N ALA B 152 34.11 10.84 -0.12
CA ALA B 152 32.65 10.99 -0.09
C ALA B 152 32.01 10.23 -1.25
N LEU B 153 31.96 8.92 -1.12
CA LEU B 153 31.28 8.06 -2.08
C LEU B 153 30.82 6.82 -1.38
N PHE B 154 29.89 6.12 -2.03
CA PHE B 154 29.43 4.83 -1.55
C PHE B 154 29.02 3.94 -2.72
N THR B 155 28.89 2.65 -2.42
CA THR B 155 28.66 1.64 -3.45
C THR B 155 27.54 0.69 -3.04
N PHE B 156 26.77 0.26 -4.04
CA PHE B 156 25.75 -0.74 -3.85
C PHE B 156 26.09 -1.96 -4.68
N TYR B 157 26.13 -3.10 -4.02
CA TYR B 157 26.17 -4.38 -4.66
C TYR B 157 24.95 -5.13 -4.13
N LEU B 158 23.99 -5.38 -5.03
CA LEU B 158 22.84 -6.22 -4.77
C LEU B 158 23.05 -7.53 -5.54
N PRO B 159 22.64 -8.68 -4.96
CA PRO B 159 22.77 -10.01 -5.60
C PRO B 159 21.59 -10.45 -6.50
N VAL B 160 21.55 -11.72 -6.88
CA VAL B 160 20.48 -12.30 -7.70
C VAL B 160 19.64 -13.32 -6.97
N HIS B 161 18.79 -12.85 -6.07
CA HIS B 161 17.78 -13.68 -5.38
C HIS B 161 18.11 -14.49 -4.15
N ASP B 162 19.11 -14.10 -3.38
CA ASP B 162 19.50 -14.84 -2.19
C ASP B 162 20.15 -16.16 -2.56
N HIS B 164 24.49 -14.03 -3.14
CA HIS B 164 23.58 -14.32 -2.05
C HIS B 164 23.06 -13.08 -1.34
N VAL B 165 23.96 -12.33 -0.70
CA VAL B 165 23.70 -11.20 0.22
C VAL B 165 24.22 -9.92 -0.46
N GLY B 166 23.76 -8.70 -0.13
CA GLY B 166 24.25 -7.45 -0.79
C GLY B 166 25.03 -6.57 0.17
N TYR B 167 25.74 -5.56 -0.36
CA TYR B 167 26.54 -4.64 0.47
C TYR B 167 26.44 -3.17 0.06
N LEU B 168 26.03 -2.33 1.02
CA LEU B 168 26.34 -0.90 1.03
C LEU B 168 27.74 -0.73 1.61
N THR B 169 28.64 -0.10 0.84
CA THR B 169 30.02 0.15 1.27
C THR B 169 30.26 1.66 1.21
N ILE B 170 30.72 2.24 2.33
CA ILE B 170 30.90 3.70 2.46
C ILE B 170 32.37 4.05 2.29
N GLY B 171 32.69 5.04 1.48
CA GLY B 171 34.05 5.60 1.47
C GLY B 171 35.02 5.21 0.38
N GLY B 172 34.92 3.97 -0.12
CA GLY B 172 35.83 3.45 -1.16
C GLY B 172 35.19 2.46 -2.11
N ILE B 173 35.91 2.17 -3.20
CA ILE B 173 35.47 1.27 -4.26
C ILE B 173 36.21 -0.06 -4.08
N GLU B 174 35.48 -1.14 -3.85
CA GLU B 174 36.12 -2.48 -3.80
C GLU B 174 35.96 -3.20 -5.15
N SER B 175 37.10 -3.42 -5.82
CA SER B 175 37.12 -3.81 -7.23
C SER B 175 36.62 -5.22 -7.51
N ASP B 176 36.65 -6.09 -6.51
CA ASP B 176 36.08 -7.43 -6.67
C ASP B 176 34.51 -7.49 -6.70
N PHE B 177 33.80 -6.40 -6.47
CA PHE B 177 32.35 -6.35 -6.70
C PHE B 177 31.96 -6.36 -8.18
N TYR B 178 32.88 -6.00 -9.08
CA TYR B 178 32.57 -5.94 -10.53
C TYR B 178 33.67 -6.53 -11.43
N GLU B 179 33.35 -6.57 -12.72
CA GLU B 179 34.29 -6.92 -13.77
C GLU B 179 34.37 -5.78 -14.77
N GLY B 180 35.51 -5.66 -15.43
CA GLY B 180 35.69 -4.68 -16.51
C GLY B 180 35.66 -3.23 -16.05
N PRO B 181 35.49 -2.30 -17.02
CA PRO B 181 35.62 -0.87 -16.73
C PRO B 181 34.41 -0.25 -16.01
N LEU B 182 34.71 0.70 -15.13
CA LEU B 182 33.73 1.44 -14.35
C LEU B 182 33.46 2.72 -15.15
N THR B 183 32.21 2.98 -15.55
CA THR B 183 31.88 4.09 -16.46
C THR B 183 31.01 5.07 -15.69
N TYR B 184 31.51 6.29 -15.49
CA TYR B 184 30.77 7.29 -14.71
C TYR B 184 29.84 8.12 -15.59
N GLU B 185 28.77 8.64 -14.97
CA GLU B 185 27.79 9.46 -15.67
C GLU B 185 27.44 10.67 -14.82
N LYS B 186 27.86 11.87 -15.25
CA LYS B 186 27.53 13.14 -14.57
C LYS B 186 26.04 13.28 -14.33
N LEU B 187 25.69 13.77 -13.15
CA LEU B 187 24.30 13.95 -12.81
C LEU B 187 23.77 15.17 -13.54
N ASN B 188 22.53 15.12 -14.01
CA ASN B 188 21.92 16.30 -14.64
C ASN B 188 21.53 17.34 -13.58
N HIS B 189 21.16 16.86 -12.40
CA HIS B 189 21.03 17.69 -11.20
C HIS B 189 21.59 16.93 -10.00
N ASP B 190 22.17 17.66 -9.06
CA ASP B 190 22.59 17.08 -7.79
C ASP B 190 21.43 17.11 -6.82
N LEU B 191 20.44 16.24 -7.06
CA LEU B 191 19.25 16.16 -6.23
C LEU B 191 18.96 14.68 -5.93
N TYR B 192 18.35 13.96 -6.87
CA TYR B 192 18.39 12.50 -6.88
C TYR B 192 19.74 12.13 -7.48
N TRP B 193 20.09 10.85 -7.47
CA TRP B 193 21.22 10.39 -8.27
C TRP B 193 20.69 10.20 -9.67
N GLN B 194 20.61 11.30 -10.41
CA GLN B 194 19.86 11.38 -11.68
C GLN B 194 20.72 11.77 -12.90
N ILE B 195 20.76 10.88 -13.88
CA ILE B 195 21.52 11.13 -15.10
C ILE B 195 20.58 11.24 -16.31
N ASP B 196 21.10 11.83 -17.38
CA ASP B 196 20.42 11.90 -18.68
C ASP B 196 20.64 10.58 -19.38
N LEU B 197 19.60 10.06 -20.02
CA LEU B 197 19.69 8.86 -20.85
C LEU B 197 18.66 8.81 -21.96
N ASP B 198 19.03 8.21 -23.09
CA ASP B 198 18.06 7.79 -24.10
C ASP B 198 17.61 6.39 -23.73
N ILE B 199 16.33 6.26 -23.36
CA ILE B 199 15.78 4.99 -22.88
C ILE B 199 15.05 4.31 -24.05
N HIS B 200 15.40 3.06 -24.32
CA HIS B 200 14.66 2.21 -25.25
C HIS B 200 14.04 1.07 -24.49
N PHE B 201 12.71 0.97 -24.57
CA PHE B 201 12.00 -0.26 -24.24
C PHE B 201 11.84 -0.96 -25.63
N GLY B 202 10.74 -1.65 -25.93
CA GLY B 202 10.72 -2.48 -27.15
C GLY B 202 11.06 -1.78 -28.48
N LYS B 203 10.04 -1.15 -29.05
CA LYS B 203 10.20 -0.18 -30.15
C LYS B 203 10.14 1.26 -29.67
N TYR B 204 9.86 1.44 -28.37
CA TYR B 204 9.51 2.73 -27.80
C TYR B 204 10.73 3.37 -27.17
N VAL B 205 11.05 4.57 -27.65
CA VAL B 205 12.23 5.31 -27.21
C VAL B 205 11.79 6.66 -26.64
N MET B 206 12.37 7.04 -25.50
CA MET B 206 12.33 8.44 -25.05
C MET B 206 13.77 8.96 -24.90
N GLN B 207 14.07 10.02 -25.63
CA GLN B 207 15.42 10.58 -25.66
C GLN B 207 15.63 11.59 -24.56
N LYS B 208 16.89 11.70 -24.14
CA LYS B 208 17.30 12.40 -22.91
C LYS B 208 16.20 12.44 -21.86
N ALA B 209 15.85 11.26 -21.38
CA ALA B 209 14.96 11.09 -20.24
C ALA B 209 15.74 11.35 -18.95
N ASN B 210 14.99 11.55 -17.87
CA ASN B 210 15.56 11.76 -16.55
C ASN B 210 15.64 10.40 -15.83
N ALA B 211 16.84 9.83 -15.78
CA ALA B 211 17.04 8.50 -15.23
C ALA B 211 17.52 8.61 -13.78
N VAL B 212 16.72 8.07 -12.86
CA VAL B 212 16.95 8.16 -11.42
C VAL B 212 17.40 6.79 -10.88
N VAL B 213 18.67 6.72 -10.48
CA VAL B 213 19.24 5.51 -9.88
C VAL B 213 18.82 5.49 -8.40
N ASP B 214 17.97 4.52 -8.06
CA ASP B 214 17.30 4.46 -6.75
C ASP B 214 17.31 3.04 -6.13
N SER B 215 18.19 2.84 -5.16
CA SER B 215 18.27 1.57 -4.41
C SER B 215 17.00 1.26 -3.63
N GLY B 216 16.19 2.29 -3.39
CA GLY B 216 14.91 2.15 -2.70
C GLY B 216 13.67 1.85 -3.53
N THR B 217 13.81 1.63 -4.84
CA THR B 217 12.68 1.28 -5.73
C THR B 217 12.85 -0.14 -6.26
N SER B 218 11.83 -0.99 -6.09
CA SER B 218 11.91 -2.44 -6.39
C SER B 218 11.97 -2.86 -7.86
N THR B 219 11.61 -1.93 -8.75
CA THR B 219 11.40 -2.20 -10.16
C THR B 219 12.07 -1.14 -11.05
N ILE B 220 12.01 -1.33 -12.36
CA ILE B 220 12.25 -0.24 -13.30
C ILE B 220 10.93 0.51 -13.37
N THR B 221 11.00 1.80 -13.64
CA THR B 221 9.83 2.63 -13.70
C THR B 221 9.85 3.49 -14.97
N ALA B 222 8.69 3.64 -15.60
CA ALA B 222 8.49 4.62 -16.67
C ALA B 222 7.20 5.41 -16.43
N PRO B 223 6.93 6.44 -17.25
CA PRO B 223 5.63 7.11 -17.15
C PRO B 223 4.48 6.25 -17.68
N THR B 224 3.26 6.52 -17.17
CA THR B 224 2.02 5.80 -17.51
C THR B 224 1.74 5.79 -19.03
N SER B 225 1.86 6.95 -19.63
CA SER B 225 1.70 7.19 -21.09
C SER B 225 2.60 6.31 -21.98
N PHE B 226 3.88 6.28 -21.63
CA PHE B 226 4.93 5.52 -22.34
C PHE B 226 4.76 3.99 -22.17
N LEU B 227 4.20 3.59 -21.03
CA LEU B 227 4.01 2.19 -20.68
C LEU B 227 2.72 1.57 -21.22
N ASN B 228 1.68 2.39 -21.43
CA ASN B 228 0.45 1.93 -22.10
C ASN B 228 0.79 1.38 -23.49
N LYS B 229 1.50 2.17 -24.31
CA LYS B 229 1.91 1.70 -25.65
C LYS B 229 2.85 0.46 -25.63
N PHE B 230 3.69 0.34 -24.60
CA PHE B 230 4.46 -0.90 -24.30
C PHE B 230 3.63 -2.10 -23.80
N PHE B 231 2.83 -1.84 -22.81
CA PHE B 231 2.04 -2.88 -22.26
C PHE B 231 1.09 -3.38 -23.29
N VAL B 236 1.05 -9.53 -21.40
CA VAL B 236 1.25 -9.31 -19.97
C VAL B 236 0.18 -9.68 -18.95
N ILE B 237 -1.00 -10.00 -19.38
CA ILE B 237 -2.01 -10.35 -18.34
C ILE B 237 -1.76 -9.74 -16.93
N LYS B 238 -2.38 -8.59 -16.66
CA LYS B 238 -2.27 -7.92 -15.35
C LYS B 238 -3.23 -8.59 -14.38
N VAL B 239 -2.71 -9.10 -13.25
CA VAL B 239 -3.59 -9.64 -12.18
C VAL B 239 -4.28 -8.46 -11.48
N PRO B 240 -5.61 -8.56 -11.22
CA PRO B 240 -6.34 -7.32 -10.91
C PRO B 240 -6.03 -6.61 -9.59
N PHE B 241 -5.77 -5.30 -9.63
CA PHE B 241 -5.70 -4.44 -8.43
C PHE B 241 -4.59 -4.89 -7.46
N TYR B 245 2.34 -7.65 -12.70
CA TYR B 245 2.08 -8.05 -14.07
C TYR B 245 2.73 -9.40 -14.32
N VAL B 246 1.96 -10.33 -14.89
CA VAL B 246 2.46 -11.66 -15.22
C VAL B 246 2.43 -11.83 -16.73
N THR B 247 3.49 -12.41 -17.26
CA THR B 247 3.56 -12.83 -18.66
C THR B 247 4.25 -14.19 -18.72
N THR B 248 4.29 -14.79 -19.90
CA THR B 248 4.94 -16.09 -20.07
C THR B 248 6.44 -15.88 -20.04
N CYS B 249 7.15 -16.84 -19.46
CA CYS B 249 8.58 -16.71 -19.15
C CYS B 249 9.41 -16.78 -20.45
N ASP B 250 9.09 -17.74 -21.33
CA ASP B 250 9.64 -17.84 -22.71
C ASP B 250 8.80 -17.07 -23.75
N ASN B 251 8.65 -15.78 -23.49
CA ASN B 251 7.95 -14.83 -24.35
C ASN B 251 9.05 -14.35 -25.29
N ASP B 252 8.85 -14.59 -26.58
CA ASP B 252 9.83 -14.22 -27.61
C ASP B 252 9.98 -12.69 -27.79
N ASP B 253 8.93 -11.93 -27.46
CA ASP B 253 8.89 -10.49 -27.72
C ASP B 253 9.74 -9.69 -26.76
N LEU B 254 9.88 -10.13 -25.51
CA LEU B 254 10.53 -9.32 -24.47
C LEU B 254 11.95 -8.85 -24.82
N PRO B 255 12.14 -7.53 -25.00
CA PRO B 255 13.41 -6.96 -25.43
C PRO B 255 14.39 -6.75 -24.28
N THR B 256 15.68 -6.83 -24.59
CA THR B 256 16.73 -6.28 -23.72
C THR B 256 16.64 -4.75 -23.78
N LEU B 257 16.27 -4.13 -22.66
CA LEU B 257 16.03 -2.68 -22.59
C LEU B 257 17.36 -1.98 -22.74
N GLU B 258 17.36 -0.82 -23.40
CA GLU B 258 18.61 -0.08 -23.64
C GLU B 258 18.60 1.28 -23.00
N PHE B 259 19.80 1.71 -22.59
CA PHE B 259 20.00 2.96 -21.87
C PHE B 259 21.27 3.61 -22.42
N HIS B 260 21.13 4.62 -23.30
CA HIS B 260 22.29 5.30 -23.93
C HIS B 260 22.58 6.65 -23.29
N SER B 261 23.87 6.96 -23.09
CA SER B 261 24.32 8.22 -22.49
C SER B 261 25.26 9.09 -23.35
N ARG B 262 25.00 9.23 -24.62
CA ARG B 262 25.91 10.03 -25.39
C ARG B 262 27.35 9.75 -25.09
N ASN B 263 27.64 8.56 -24.62
CA ASN B 263 29.00 8.18 -24.37
C ASN B 263 29.11 6.78 -23.96
N ASN B 264 28.06 6.28 -23.42
CA ASN B 264 27.97 4.84 -23.07
C ASN B 264 26.59 4.22 -23.22
N LYS B 265 26.59 2.91 -23.47
CA LYS B 265 25.38 2.10 -23.53
C LYS B 265 25.30 1.16 -22.33
N TYR B 266 24.11 1.10 -21.72
CA TYR B 266 23.78 0.10 -20.71
C TYR B 266 22.56 -0.66 -21.18
N THR B 267 22.52 -1.96 -20.89
CA THR B 267 21.42 -2.80 -21.28
C THR B 267 20.96 -3.68 -20.12
N LEU B 268 19.66 -3.97 -20.11
CA LEU B 268 19.04 -4.79 -19.07
C LEU B 268 18.22 -5.93 -19.69
N GLU B 269 18.76 -7.15 -19.59
CA GLU B 269 18.17 -8.34 -20.21
C GLU B 269 16.87 -8.71 -19.49
N PRO B 270 16.01 -9.53 -20.14
CA PRO B 270 14.77 -9.91 -19.47
C PRO B 270 14.95 -10.63 -18.13
N GLU B 271 15.97 -11.48 -17.97
CA GLU B 271 16.19 -12.17 -16.67
C GLU B 271 16.27 -11.22 -15.48
N PHE B 272 16.87 -10.04 -15.69
CA PHE B 272 17.02 -9.04 -14.61
C PHE B 272 15.74 -8.26 -14.24
N TYR B 273 14.76 -8.20 -15.15
CA TYR B 273 13.48 -7.51 -14.87
C TYR B 273 12.24 -8.38 -14.73
N MET B 274 12.43 -9.69 -14.71
CA MET B 274 11.36 -10.59 -14.41
C MET B 274 11.88 -11.81 -13.70
N ASP B 275 10.98 -12.55 -13.10
CA ASP B 275 11.35 -13.73 -12.36
C ASP B 275 10.19 -14.69 -12.35
N PRO B 276 10.42 -16.00 -12.30
CA PRO B 276 9.29 -16.95 -12.32
C PRO B 276 8.50 -16.97 -11.03
N LEU B 277 7.20 -17.24 -11.15
CA LEU B 277 6.33 -17.52 -10.00
C LEU B 277 6.64 -18.96 -9.58
N SER B 278 7.84 -19.14 -9.05
CA SER B 278 8.29 -20.40 -8.56
C SER B 278 7.24 -20.77 -7.54
N ASP B 279 7.08 -22.06 -7.32
CA ASP B 279 6.10 -22.53 -6.40
C ASP B 279 4.73 -22.48 -6.99
N ILE B 280 4.39 -21.56 -7.88
CA ILE B 280 3.05 -21.68 -8.46
C ILE B 280 3.07 -21.39 -10.00
N ASP B 281 3.28 -22.43 -10.80
CA ASP B 281 3.44 -22.25 -12.27
C ASP B 281 4.77 -21.49 -12.58
N PRO B 282 5.91 -22.24 -12.60
CA PRO B 282 7.20 -21.63 -12.99
C PRO B 282 7.36 -21.29 -14.47
N ALA B 283 6.44 -21.74 -15.32
CA ALA B 283 6.39 -21.29 -16.72
C ALA B 283 5.90 -19.84 -16.86
N LEU B 284 5.14 -19.35 -15.88
CA LEU B 284 4.68 -17.97 -15.88
C LEU B 284 5.66 -17.10 -15.12
N CYS B 285 5.75 -15.84 -15.55
CA CYS B 285 6.78 -14.93 -15.07
C CYS B 285 6.24 -13.57 -14.66
N MET B 286 6.87 -12.97 -13.66
CA MET B 286 6.40 -11.79 -12.95
C MET B 286 7.29 -10.60 -13.34
N LEU B 287 6.68 -9.50 -13.78
CA LEU B 287 7.39 -8.36 -14.41
C LEU B 287 7.75 -7.17 -13.49
N TYR B 288 9.05 -6.88 -13.33
CA TYR B 288 9.50 -5.75 -12.53
C TYR B 288 9.58 -4.42 -13.31
N ILE B 289 8.43 -4.01 -13.85
CA ILE B 289 8.28 -2.72 -14.56
C ILE B 289 6.93 -2.17 -14.11
N LEU B 290 6.93 -0.95 -13.55
CA LEU B 290 5.71 -0.31 -13.06
C LEU B 290 5.58 1.06 -13.66
N PRO B 291 4.35 1.48 -13.99
CA PRO B 291 4.18 2.88 -14.33
C PRO B 291 4.21 3.74 -13.07
N VAL B 292 5.10 4.72 -13.04
CA VAL B 292 5.13 5.74 -11.99
C VAL B 292 5.32 7.09 -12.66
N ASP B 293 4.32 7.95 -12.52
CA ASP B 293 4.35 9.30 -13.08
C ASP B 293 4.94 10.29 -12.11
N ILE B 294 6.19 10.70 -12.35
CA ILE B 294 6.82 11.81 -11.64
C ILE B 294 6.55 13.07 -12.45
N ASP B 295 6.93 13.04 -13.71
CA ASP B 295 6.61 14.12 -14.66
C ASP B 295 6.52 13.51 -16.07
N ASP B 296 6.79 14.29 -17.11
CA ASP B 296 6.69 13.78 -18.49
C ASP B 296 7.79 12.78 -18.91
N ASN B 297 8.94 12.78 -18.25
CA ASN B 297 10.11 12.01 -18.74
C ASN B 297 11.03 11.36 -17.70
N THR B 298 10.55 11.13 -16.47
CA THR B 298 11.38 10.50 -15.45
C THR B 298 11.21 8.98 -15.38
N PHE B 299 12.34 8.30 -15.48
CA PHE B 299 12.46 6.86 -15.28
C PHE B 299 13.23 6.58 -13.97
N ILE B 300 12.79 5.57 -13.21
CA ILE B 300 13.51 5.11 -12.00
C ILE B 300 14.25 3.86 -12.42
N LEU B 301 15.57 3.92 -12.43
CA LEU B 301 16.40 2.73 -12.61
C LEU B 301 16.58 2.16 -11.23
N GLY B 302 15.64 1.29 -10.84
CA GLY B 302 15.63 0.69 -9.52
C GLY B 302 16.48 -0.55 -9.40
N ASP B 303 16.03 -1.46 -8.54
CA ASP B 303 16.78 -2.66 -8.17
C ASP B 303 17.08 -3.61 -9.34
N PRO B 304 16.14 -3.78 -10.30
CA PRO B 304 16.49 -4.60 -11.48
C PRO B 304 17.80 -4.19 -12.15
N PHE B 305 17.97 -2.89 -12.37
CA PHE B 305 19.18 -2.32 -12.97
C PHE B 305 20.38 -2.61 -12.09
N MET B 306 20.24 -2.29 -10.81
CA MET B 306 21.33 -2.43 -9.84
C MET B 306 21.71 -3.87 -9.55
N ARG B 307 20.77 -4.82 -9.75
CA ARG B 307 21.09 -6.23 -9.54
C ARG B 307 22.01 -6.75 -10.64
N LYS B 308 21.95 -6.14 -11.83
CA LYS B 308 22.93 -6.39 -12.93
C LYS B 308 24.17 -5.53 -12.79
N TYR B 309 23.96 -4.24 -12.57
CA TYR B 309 25.05 -3.27 -12.57
C TYR B 309 25.46 -2.80 -11.17
N PHE B 310 26.66 -3.22 -10.76
CA PHE B 310 27.32 -2.61 -9.62
C PHE B 310 27.39 -1.10 -9.82
N THR B 311 27.21 -0.38 -8.73
CA THR B 311 26.91 1.04 -8.81
C THR B 311 27.68 1.86 -7.75
N VAL B 312 28.23 2.99 -8.20
CA VAL B 312 29.09 3.87 -7.40
C VAL B 312 28.49 5.25 -7.43
N PHE B 313 28.17 5.78 -6.25
CA PHE B 313 27.59 7.12 -6.13
C PHE B 313 28.66 7.98 -5.49
N ASP B 314 29.12 8.99 -6.23
CA ASP B 314 30.31 9.76 -5.89
C ASP B 314 29.93 11.22 -5.78
N TYR B 315 29.86 11.73 -4.55
CA TYR B 315 29.55 13.15 -4.31
C TYR B 315 30.67 14.09 -4.77
N GLU B 316 31.91 13.61 -4.78
CA GLU B 316 33.08 14.44 -5.18
C GLU B 316 33.07 14.62 -6.70
N LYS B 317 32.68 13.57 -7.43
CA LYS B 317 32.56 13.61 -8.90
C LYS B 317 31.20 14.09 -9.42
N GLU B 318 30.18 14.13 -8.57
CA GLU B 318 28.80 14.45 -8.98
C GLU B 318 28.34 13.55 -10.12
N SER B 319 28.43 12.25 -9.88
CA SER B 319 28.14 11.27 -10.91
C SER B 319 27.94 9.88 -10.33
N VAL B 320 27.40 8.99 -11.18
CA VAL B 320 27.18 7.60 -10.86
C VAL B 320 28.04 6.71 -11.76
N GLY B 321 28.79 5.80 -11.13
CA GLY B 321 29.64 4.84 -11.82
C GLY B 321 28.92 3.51 -11.94
N PHE B 322 28.91 2.96 -13.16
CA PHE B 322 28.28 1.66 -13.45
C PHE B 322 29.29 0.63 -13.98
N ALA B 323 29.17 -0.60 -13.49
CA ALA B 323 29.92 -1.72 -14.00
C ALA B 323 29.12 -2.98 -13.78
N VAL B 324 29.34 -3.98 -14.63
CA VAL B 324 28.67 -5.27 -14.51
C VAL B 324 29.14 -5.96 -13.21
N ALA B 325 28.19 -6.26 -12.32
CA ALA B 325 28.50 -6.90 -11.04
C ALA B 325 29.08 -8.32 -11.21
N LYS B 326 29.90 -8.73 -10.25
CA LYS B 326 30.53 -10.06 -10.24
C LYS B 326 29.70 -11.02 -9.39
N ASN B 327 30.17 -12.26 -9.21
CA ASN B 327 29.41 -13.36 -8.55
C ASN B 327 28.07 -13.64 -9.26
N VAL C 2 7.82 -1.34 -3.89
CA VAL C 2 8.24 -0.19 -3.05
C VAL C 2 8.92 0.86 -3.92
N VAL C 3 8.59 2.13 -3.71
CA VAL C 3 9.12 3.23 -4.50
C VAL C 3 9.32 4.40 -3.55
N ALA C 5 11.70 9.24 -2.52
CA ALA C 5 10.93 10.45 -2.14
C ALA C 5 10.29 11.04 -3.40
N VAL D 2 -8.43 -5.46 -1.24
CA VAL D 2 -8.65 -4.10 -0.63
C VAL D 2 -9.08 -4.21 0.87
N VAL D 3 -8.46 -3.37 1.72
CA VAL D 3 -8.79 -3.30 3.16
C VAL D 3 -9.14 -1.84 3.52
N ALA D 5 -11.09 1.69 7.76
CA ALA D 5 -10.26 2.93 7.90
C ALA D 5 -9.18 2.73 8.93
#